data_1E3L
#
_entry.id   1E3L
#
_cell.length_a   79.156
_cell.length_b   80.639
_cell.length_c   102.757
_cell.angle_alpha   90.00
_cell.angle_beta   90.00
_cell.angle_gamma   90.00
#
_symmetry.space_group_name_H-M   'P 21 21 21'
#
loop_
_entity.id
_entity.type
_entity.pdbx_description
1 polymer 'ALCOHOL DEHYDROGENASE, CLASS II'
2 non-polymer NICOTINAMIDE-ADENINE-DINUCLEOTIDE
3 non-polymer 'ZINC ION'
4 water water
#
_entity_poly.entity_id   1
_entity_poly.type   'polypeptide(L)'
_entity_poly.pdbx_seq_one_letter_code
;GTQGKVIKCKAAIAWKTGSPLCIEEIEVSPPKACEVRIQVIATCVCHTDINATDPKKKALFPVVLGHECAGIVESVGPGV
TNFKPGDKVIPFFAPQCKRCKLCLSPLTNLCGKLRNFKYPTIDQELMEDRTSRFTCKGRSIYHFMGVSSFSQYTVVSEAN
LARVDDEANLERVCLIGCGFSSGYGAAINTAKVTPGSTCAVFGLGCVGLSAIIGCKIAGASRIIAIDINGEKFPKAKALG
ATDCLNPRELDKPVQDVITELTAGGVDYSLDCAGTAQTLKAAVDCTVLGWGSCTVVGAKVDEMTIPTVDVILGRSINGTF
FGGWKSVDSVPNLVSDYKNKKFDLDLLVTHALPFESINDAIDLMKEGKSIRTILTF
;
_entity_poly.pdbx_strand_id   A,B
#
loop_
_chem_comp.id
_chem_comp.type
_chem_comp.name
_chem_comp.formula
NAD non-polymer NICOTINAMIDE-ADENINE-DINUCLEOTIDE 'C21 H27 N7 O14 P2'
ZN non-polymer 'ZINC ION' 'Zn 2'
#
# COMPACT_ATOMS: atom_id res chain seq x y z
N GLY A 1 10.87 -33.71 -33.92
CA GLY A 1 11.49 -32.36 -33.76
C GLY A 1 11.49 -31.58 -35.06
N THR A 2 11.06 -32.23 -36.13
CA THR A 2 11.04 -31.60 -37.43
C THR A 2 9.90 -30.58 -37.46
N GLN A 3 10.16 -29.46 -38.14
CA GLN A 3 9.20 -28.37 -38.26
C GLN A 3 7.89 -28.79 -38.92
N GLY A 4 6.89 -27.93 -38.79
CA GLY A 4 5.59 -28.16 -39.41
C GLY A 4 4.95 -29.50 -39.12
N LYS A 5 5.60 -30.32 -38.30
CA LYS A 5 5.06 -31.63 -37.98
C LYS A 5 4.75 -31.78 -36.50
N VAL A 6 3.63 -32.44 -36.21
CA VAL A 6 3.22 -32.68 -34.83
C VAL A 6 4.31 -33.48 -34.17
N ILE A 7 4.56 -33.20 -32.90
CA ILE A 7 5.60 -33.93 -32.18
C ILE A 7 5.02 -34.82 -31.09
N LYS A 8 5.57 -36.01 -30.99
CA LYS A 8 5.16 -36.97 -30.00
C LYS A 8 6.28 -36.98 -29.00
N CYS A 9 5.96 -36.65 -27.76
CA CYS A 9 6.95 -36.61 -26.69
C CYS A 9 6.22 -36.89 -25.39
N LYS A 10 6.95 -36.89 -24.29
CA LYS A 10 6.34 -37.13 -22.99
C LYS A 10 6.19 -35.86 -22.17
N ALA A 11 5.11 -35.82 -21.40
CA ALA A 11 4.82 -34.67 -20.56
C ALA A 11 4.23 -35.16 -19.24
N ALA A 12 3.95 -34.23 -18.34
CA ALA A 12 3.36 -34.58 -17.06
C ALA A 12 1.98 -33.93 -17.01
N ILE A 13 0.96 -34.74 -17.19
CA ILE A 13 -0.40 -34.22 -17.18
C ILE A 13 -1.11 -34.35 -15.83
N ALA A 14 -1.87 -33.31 -15.50
CA ALA A 14 -2.64 -33.28 -14.28
C ALA A 14 -4.08 -33.43 -14.79
N TRP A 15 -4.62 -34.64 -14.72
CA TRP A 15 -5.97 -34.89 -15.22
C TRP A 15 -7.05 -34.30 -14.33
N LYS A 16 -6.68 -33.88 -13.12
CA LYS A 16 -7.61 -33.24 -12.18
C LYS A 16 -6.96 -32.92 -10.82
N THR A 17 -7.59 -32.07 -10.03
CA THR A 17 -7.02 -31.71 -8.73
C THR A 17 -6.89 -32.92 -7.83
N GLY A 18 -6.24 -32.71 -6.70
CA GLY A 18 -6.04 -33.78 -5.73
C GLY A 18 -5.27 -34.97 -6.28
N SER A 19 -5.06 -34.98 -7.59
CA SER A 19 -4.34 -36.08 -8.21
C SER A 19 -2.87 -35.74 -8.48
N PRO A 20 -2.00 -36.76 -8.53
CA PRO A 20 -0.57 -36.59 -8.80
C PRO A 20 -0.44 -36.38 -10.29
N LEU A 21 0.79 -36.36 -10.80
CA LEU A 21 0.97 -36.15 -12.23
C LEU A 21 1.25 -37.45 -12.97
N CYS A 22 0.64 -37.61 -14.13
CA CYS A 22 0.84 -38.82 -14.93
C CYS A 22 1.77 -38.58 -16.10
N ILE A 23 2.73 -39.48 -16.27
CA ILE A 23 3.65 -39.39 -17.38
C ILE A 23 2.88 -39.99 -18.55
N GLU A 24 2.58 -39.16 -19.55
CA GLU A 24 1.84 -39.60 -20.73
C GLU A 24 2.63 -39.19 -21.97
N GLU A 25 2.24 -39.76 -23.12
CA GLU A 25 2.87 -39.40 -24.38
C GLU A 25 1.86 -38.46 -25.05
N ILE A 26 2.26 -37.23 -25.31
CA ILE A 26 1.36 -36.28 -25.94
C ILE A 26 1.85 -35.85 -27.30
N GLU A 27 0.96 -35.20 -28.05
CA GLU A 27 1.28 -34.69 -29.37
C GLU A 27 1.34 -33.18 -29.21
N VAL A 28 2.45 -32.59 -29.62
CA VAL A 28 2.62 -31.15 -29.52
C VAL A 28 2.57 -30.52 -30.90
N SER A 29 1.42 -29.93 -31.23
CA SER A 29 1.22 -29.28 -32.52
C SER A 29 2.31 -28.24 -32.81
N PRO A 30 2.57 -27.97 -34.08
CA PRO A 30 3.58 -27.00 -34.51
C PRO A 30 3.10 -25.59 -34.17
N PRO A 31 4.03 -24.63 -34.09
CA PRO A 31 3.70 -23.24 -33.78
C PRO A 31 2.96 -22.50 -34.87
N LYS A 32 1.96 -21.70 -34.46
CA LYS A 32 1.18 -20.90 -35.38
C LYS A 32 1.78 -19.50 -35.44
N ALA A 33 1.06 -18.55 -36.04
CA ALA A 33 1.54 -17.18 -36.14
C ALA A 33 1.94 -16.63 -34.78
N CYS A 34 3.12 -16.01 -34.71
CA CYS A 34 3.63 -15.43 -33.47
C CYS A 34 3.71 -16.45 -32.34
N GLU A 35 4.35 -17.58 -32.61
CA GLU A 35 4.52 -18.61 -31.59
C GLU A 35 5.85 -19.28 -31.81
N VAL A 36 6.34 -19.91 -30.75
CA VAL A 36 7.61 -20.60 -30.79
C VAL A 36 7.47 -21.95 -30.10
N ARG A 37 8.03 -23.00 -30.69
CA ARG A 37 8.00 -24.31 -30.06
C ARG A 37 9.38 -24.49 -29.47
N ILE A 38 9.42 -24.87 -28.20
CA ILE A 38 10.68 -25.01 -27.49
C ILE A 38 10.98 -26.43 -27.04
N GLN A 39 12.26 -26.80 -27.06
CA GLN A 39 12.62 -28.10 -26.54
C GLN A 39 13.05 -27.73 -25.14
N VAL A 40 12.29 -28.17 -24.15
CA VAL A 40 12.62 -27.86 -22.77
C VAL A 40 13.79 -28.70 -22.33
N ILE A 41 14.87 -28.04 -21.92
CA ILE A 41 16.04 -28.75 -21.46
C ILE A 41 15.98 -28.99 -19.96
N ALA A 42 15.73 -27.91 -19.20
CA ALA A 42 15.66 -28.03 -17.74
C ALA A 42 14.42 -27.34 -17.18
N THR A 43 13.77 -27.98 -16.21
CA THR A 43 12.57 -27.42 -15.61
C THR A 43 12.52 -27.65 -14.10
N CYS A 44 11.79 -26.80 -13.39
CA CYS A 44 11.65 -26.91 -11.93
C CYS A 44 10.20 -26.83 -11.52
N VAL A 45 9.90 -27.34 -10.33
CA VAL A 45 8.55 -27.27 -9.78
C VAL A 45 8.50 -26.06 -8.84
N CYS A 46 7.55 -25.17 -9.09
CA CYS A 46 7.38 -24.00 -8.25
C CYS A 46 6.14 -24.23 -7.40
N HIS A 47 6.01 -23.50 -6.31
CA HIS A 47 4.83 -23.65 -5.46
C HIS A 47 3.57 -23.40 -6.27
N THR A 48 3.63 -22.43 -7.17
CA THR A 48 2.46 -22.08 -7.98
C THR A 48 1.91 -23.27 -8.75
N ASP A 49 2.78 -24.19 -9.14
CA ASP A 49 2.33 -25.36 -9.88
C ASP A 49 1.55 -26.29 -8.94
N ILE A 50 2.15 -26.60 -7.81
CA ILE A 50 1.50 -27.46 -6.84
C ILE A 50 0.14 -26.87 -6.44
N ASN A 51 0.12 -25.55 -6.31
CA ASN A 51 -1.09 -24.84 -5.94
C ASN A 51 -2.27 -25.22 -6.84
N ALA A 52 -1.99 -25.53 -8.09
CA ALA A 52 -3.02 -25.90 -9.05
C ALA A 52 -3.68 -27.25 -8.75
N THR A 53 -2.95 -28.12 -8.06
CA THR A 53 -3.46 -29.44 -7.72
C THR A 53 -4.29 -29.41 -6.44
N ASP A 54 -4.35 -28.25 -5.80
CA ASP A 54 -5.12 -28.09 -4.57
C ASP A 54 -6.61 -27.99 -4.88
N PRO A 55 -7.40 -28.99 -4.44
CA PRO A 55 -8.85 -29.06 -4.66
C PRO A 55 -9.61 -27.81 -4.22
N LYS A 56 -9.11 -27.13 -3.18
CA LYS A 56 -9.78 -25.93 -2.70
C LYS A 56 -9.47 -24.73 -3.58
N LYS A 57 -8.44 -24.85 -4.42
CA LYS A 57 -8.05 -23.76 -5.30
C LYS A 57 -8.67 -23.86 -6.68
N LYS A 58 -9.03 -22.71 -7.22
CA LYS A 58 -9.65 -22.63 -8.53
C LYS A 58 -8.62 -22.92 -9.63
N ALA A 59 -8.81 -24.03 -10.35
CA ALA A 59 -7.91 -24.41 -11.44
C ALA A 59 -8.65 -25.13 -12.56
N LEU A 60 -7.95 -25.37 -13.67
CA LEU A 60 -8.54 -26.04 -14.83
C LEU A 60 -7.81 -27.32 -15.19
N PHE A 61 -8.55 -28.31 -15.66
CA PHE A 61 -7.96 -29.60 -16.05
C PHE A 61 -8.65 -30.14 -17.31
N PRO A 62 -7.98 -31.03 -18.06
CA PRO A 62 -6.63 -31.54 -17.83
C PRO A 62 -5.65 -30.45 -18.22
N VAL A 63 -4.44 -30.50 -17.65
CA VAL A 63 -3.46 -29.48 -17.95
C VAL A 63 -2.00 -29.89 -17.80
N VAL A 64 -1.15 -29.26 -18.59
CA VAL A 64 0.28 -29.48 -18.51
C VAL A 64 0.76 -28.31 -17.68
N LEU A 65 1.16 -28.58 -16.44
CA LEU A 65 1.63 -27.54 -15.54
C LEU A 65 3.07 -27.16 -15.81
N GLY A 66 3.66 -26.42 -14.88
CA GLY A 66 5.05 -26.00 -15.04
C GLY A 66 5.16 -24.68 -15.77
N HIS A 67 6.00 -23.79 -15.25
CA HIS A 67 6.21 -22.48 -15.85
C HIS A 67 7.64 -21.98 -15.64
N GLU A 68 8.44 -22.75 -14.91
CA GLU A 68 9.83 -22.37 -14.65
C GLU A 68 10.76 -23.30 -15.42
N CYS A 69 11.38 -22.78 -16.47
CA CYS A 69 12.27 -23.61 -17.28
C CYS A 69 13.19 -22.82 -18.21
N ALA A 70 13.90 -23.56 -19.04
CA ALA A 70 14.81 -23.00 -20.03
C ALA A 70 14.93 -24.04 -21.15
N GLY A 71 15.23 -23.62 -22.36
CA GLY A 71 15.32 -24.58 -23.45
C GLY A 71 15.78 -24.01 -24.77
N ILE A 72 15.64 -24.81 -25.81
CA ILE A 72 16.09 -24.40 -27.13
C ILE A 72 14.93 -24.38 -28.13
N VAL A 73 14.92 -23.35 -28.98
CA VAL A 73 13.88 -23.19 -30.00
C VAL A 73 13.93 -24.34 -31.00
N GLU A 74 12.83 -25.08 -31.07
CA GLU A 74 12.74 -26.20 -31.98
C GLU A 74 12.20 -25.71 -33.33
N SER A 75 11.48 -24.60 -33.31
CA SER A 75 10.91 -24.00 -34.53
C SER A 75 9.99 -22.82 -34.20
N VAL A 76 9.75 -21.98 -35.19
CA VAL A 76 8.90 -20.83 -35.01
C VAL A 76 7.71 -20.89 -35.97
N GLY A 77 6.71 -20.07 -35.73
CA GLY A 77 5.57 -20.08 -36.61
C GLY A 77 5.65 -18.96 -37.63
N PRO A 78 4.61 -18.82 -38.47
CA PRO A 78 4.53 -17.79 -39.51
C PRO A 78 4.78 -16.36 -39.01
N GLY A 79 5.62 -15.63 -39.72
CA GLY A 79 5.91 -14.26 -39.36
C GLY A 79 6.64 -14.07 -38.05
N VAL A 80 7.64 -14.92 -37.80
CA VAL A 80 8.43 -14.84 -36.58
C VAL A 80 9.88 -14.65 -37.01
N THR A 81 10.50 -13.57 -36.55
CA THR A 81 11.88 -13.30 -36.91
C THR A 81 12.86 -13.06 -35.77
N ASN A 82 12.36 -12.82 -34.56
CA ASN A 82 13.24 -12.59 -33.42
C ASN A 82 13.81 -13.87 -32.84
N PHE A 83 13.23 -14.99 -33.24
CA PHE A 83 13.65 -16.31 -32.77
C PHE A 83 13.94 -17.23 -33.95
N LYS A 84 14.73 -18.26 -33.73
CA LYS A 84 15.10 -19.20 -34.78
C LYS A 84 15.68 -20.44 -34.11
N PRO A 85 15.57 -21.60 -34.79
CA PRO A 85 16.08 -22.88 -34.28
C PRO A 85 17.50 -22.79 -33.71
N GLY A 86 17.67 -23.27 -32.49
CA GLY A 86 18.97 -23.22 -31.87
C GLY A 86 19.13 -22.19 -30.76
N ASP A 87 18.36 -21.12 -30.83
CA ASP A 87 18.45 -20.07 -29.82
C ASP A 87 18.09 -20.56 -28.42
N LYS A 88 18.88 -20.12 -27.46
CA LYS A 88 18.62 -20.47 -26.06
C LYS A 88 17.53 -19.50 -25.61
N VAL A 89 16.54 -20.00 -24.89
CA VAL A 89 15.46 -19.14 -24.42
C VAL A 89 14.88 -19.51 -23.07
N ILE A 90 14.22 -18.53 -22.47
CA ILE A 90 13.57 -18.71 -21.18
C ILE A 90 12.20 -18.11 -21.34
N PRO A 91 11.16 -18.94 -21.19
CA PRO A 91 9.79 -18.44 -21.32
C PRO A 91 9.38 -17.96 -19.94
N PHE A 92 8.24 -17.30 -19.86
CA PHE A 92 7.76 -16.82 -18.59
C PHE A 92 6.27 -16.49 -18.63
N PHE A 93 5.63 -16.48 -17.47
CA PHE A 93 4.21 -16.19 -17.41
C PHE A 93 3.90 -14.73 -17.56
N ALA A 94 4.89 -13.88 -17.26
CA ALA A 94 4.71 -12.44 -17.35
C ALA A 94 5.02 -11.94 -18.76
N PRO A 95 3.99 -11.72 -19.58
CA PRO A 95 4.22 -11.25 -20.94
C PRO A 95 4.63 -9.79 -21.03
N GLN A 96 5.32 -9.46 -22.13
CA GLN A 96 5.74 -8.10 -22.42
C GLN A 96 5.55 -7.94 -23.93
N CYS A 97 4.38 -7.47 -24.32
CA CYS A 97 4.06 -7.26 -25.72
C CYS A 97 4.85 -6.09 -26.29
N LYS A 98 5.13 -5.11 -25.43
CA LYS A 98 5.87 -3.92 -25.83
C LYS A 98 5.00 -3.02 -26.68
N ARG A 99 3.81 -3.51 -27.02
CA ARG A 99 2.91 -2.74 -27.86
C ARG A 99 1.59 -2.39 -27.16
N CYS A 100 1.69 -1.90 -25.92
CA CYS A 100 0.51 -1.53 -25.16
C CYS A 100 0.82 -0.55 -24.03
N LYS A 101 -0.23 0.13 -23.58
CA LYS A 101 -0.12 1.12 -22.53
C LYS A 101 0.69 0.58 -21.33
N LEU A 102 0.21 -0.50 -20.73
CA LEU A 102 0.90 -1.10 -19.59
C LEU A 102 2.38 -1.34 -19.88
N CYS A 103 2.70 -1.86 -21.06
CA CYS A 103 4.09 -2.12 -21.42
C CYS A 103 4.96 -0.87 -21.50
N LEU A 104 4.36 0.24 -21.91
CA LEU A 104 5.08 1.50 -22.03
C LEU A 104 5.30 2.17 -20.68
N SER A 105 4.43 1.89 -19.72
CA SER A 105 4.58 2.52 -18.42
C SER A 105 5.76 2.00 -17.64
N PRO A 106 6.58 2.92 -17.11
CA PRO A 106 7.75 2.49 -16.33
C PRO A 106 7.32 2.18 -14.88
N LEU A 107 6.02 2.25 -14.63
CA LEU A 107 5.48 2.00 -13.30
C LEU A 107 4.99 0.58 -13.05
N THR A 108 4.87 -0.21 -14.10
CA THR A 108 4.40 -1.59 -13.97
C THR A 108 5.09 -2.50 -14.96
N ASN A 109 5.01 -3.80 -14.71
CA ASN A 109 5.64 -4.77 -15.58
C ASN A 109 4.58 -5.66 -16.22
N LEU A 110 3.32 -5.26 -16.12
CA LEU A 110 2.21 -6.00 -16.71
C LEU A 110 2.07 -5.57 -18.17
N CYS A 111 1.63 -6.47 -19.04
CA CYS A 111 1.37 -6.14 -20.45
C CYS A 111 -0.16 -6.38 -20.61
N GLY A 112 -0.78 -5.75 -21.62
CA GLY A 112 -2.20 -5.90 -21.83
C GLY A 112 -2.59 -7.28 -22.37
N LYS A 113 -1.62 -8.17 -22.51
CA LYS A 113 -1.90 -9.52 -22.99
C LYS A 113 -2.75 -10.26 -21.98
N LEU A 114 -2.50 -10.00 -20.69
CA LEU A 114 -3.24 -10.64 -19.59
C LEU A 114 -4.71 -10.27 -19.67
N ARG A 115 -5.58 -11.25 -19.42
CA ARG A 115 -7.02 -11.03 -19.47
C ARG A 115 -7.68 -11.17 -18.10
N ASN A 116 -7.39 -12.27 -17.40
CA ASN A 116 -7.98 -12.52 -16.09
C ASN A 116 -7.17 -11.92 -14.96
N PHE A 117 -7.72 -10.90 -14.33
CA PHE A 117 -7.08 -10.18 -13.23
C PHE A 117 -7.49 -10.65 -11.82
N LYS A 118 -8.44 -11.58 -11.74
CA LYS A 118 -8.88 -12.08 -10.44
C LYS A 118 -8.31 -13.48 -10.20
N TYR A 119 -8.12 -14.23 -11.29
CA TYR A 119 -7.58 -15.57 -11.20
C TYR A 119 -6.51 -15.78 -12.24
N PRO A 120 -5.38 -15.07 -12.10
CA PRO A 120 -4.25 -15.15 -13.03
C PRO A 120 -3.85 -16.60 -13.30
N THR A 121 -3.79 -17.39 -12.23
CA THR A 121 -3.39 -18.79 -12.32
C THR A 121 -4.14 -19.57 -13.41
N ILE A 122 -5.41 -19.23 -13.65
CA ILE A 122 -6.19 -19.91 -14.68
C ILE A 122 -6.29 -19.08 -15.96
N ASP A 123 -5.36 -18.15 -16.13
CA ASP A 123 -5.36 -17.33 -17.32
C ASP A 123 -4.27 -17.86 -18.26
N GLN A 124 -4.35 -17.51 -19.54
CA GLN A 124 -3.39 -17.98 -20.53
C GLN A 124 -3.44 -19.51 -20.53
N GLU A 125 -4.67 -20.03 -20.34
CA GLU A 125 -4.89 -21.48 -20.31
C GLU A 125 -4.90 -22.05 -21.73
N LEU A 126 -4.86 -21.17 -22.73
CA LEU A 126 -4.84 -21.57 -24.14
C LEU A 126 -4.07 -20.52 -24.93
N MET A 127 -3.78 -20.81 -26.20
CA MET A 127 -3.05 -19.88 -27.05
C MET A 127 -3.98 -18.76 -27.53
N GLU A 128 -3.38 -17.76 -28.17
CA GLU A 128 -4.13 -16.62 -28.68
C GLU A 128 -5.42 -16.92 -29.44
N ASP A 129 -5.36 -17.87 -30.37
CA ASP A 129 -6.54 -18.22 -31.15
C ASP A 129 -7.52 -19.12 -30.37
N ARG A 130 -7.42 -19.03 -29.05
CA ARG A 130 -8.30 -19.78 -28.15
C ARG A 130 -8.27 -21.31 -28.26
N THR A 131 -7.17 -21.88 -28.76
CA THR A 131 -7.07 -23.33 -28.87
C THR A 131 -5.87 -23.87 -28.09
N SER A 132 -5.59 -25.16 -28.26
CA SER A 132 -4.46 -25.79 -27.56
C SER A 132 -3.50 -26.47 -28.52
N ARG A 133 -2.24 -26.56 -28.10
CA ARG A 133 -1.20 -27.18 -28.90
C ARG A 133 -1.00 -28.59 -28.37
N PHE A 134 -1.63 -28.87 -27.23
CA PHE A 134 -1.49 -30.15 -26.57
C PHE A 134 -2.64 -31.12 -26.80
N THR A 135 -2.29 -32.33 -27.25
CA THR A 135 -3.24 -33.41 -27.49
C THR A 135 -2.69 -34.66 -26.81
N CYS A 136 -3.54 -35.34 -26.05
CA CYS A 136 -3.13 -36.57 -25.39
C CYS A 136 -4.31 -37.52 -25.30
N LYS A 137 -4.14 -38.72 -25.86
CA LYS A 137 -5.18 -39.72 -25.84
C LYS A 137 -6.48 -39.14 -26.37
N GLY A 138 -6.42 -38.62 -27.59
CA GLY A 138 -7.58 -38.03 -28.21
C GLY A 138 -8.27 -37.01 -27.32
N ARG A 139 -7.49 -36.08 -26.76
CA ARG A 139 -8.07 -35.04 -25.92
C ARG A 139 -7.23 -33.76 -25.91
N SER A 140 -7.87 -32.66 -25.58
CA SER A 140 -7.18 -31.37 -25.52
C SER A 140 -6.74 -31.10 -24.10
N ILE A 141 -5.46 -30.80 -23.96
CA ILE A 141 -4.88 -30.51 -22.65
C ILE A 141 -4.69 -29.02 -22.53
N TYR A 142 -5.06 -28.48 -21.37
CA TYR A 142 -4.92 -27.06 -21.07
C TYR A 142 -3.46 -26.66 -20.89
N HIS A 143 -3.15 -25.41 -21.24
CA HIS A 143 -1.80 -24.88 -21.07
C HIS A 143 -1.82 -24.28 -19.67
N PHE A 144 -0.67 -23.87 -19.17
CA PHE A 144 -0.60 -23.29 -17.84
C PHE A 144 0.27 -22.04 -17.83
N MET A 145 -0.35 -20.90 -17.50
CA MET A 145 0.33 -19.63 -17.41
C MET A 145 1.16 -19.25 -18.63
N GLY A 146 0.71 -19.72 -19.78
CA GLY A 146 1.39 -19.42 -21.03
C GLY A 146 2.75 -20.05 -21.21
N VAL A 147 3.00 -21.15 -20.49
CA VAL A 147 4.29 -21.84 -20.57
C VAL A 147 4.20 -23.37 -20.68
N SER A 148 3.63 -24.01 -19.67
CA SER A 148 3.50 -25.48 -19.63
C SER A 148 4.85 -26.11 -19.92
N SER A 149 5.79 -25.98 -18.98
CA SER A 149 7.13 -26.54 -19.17
C SER A 149 7.29 -28.02 -18.81
N PHE A 150 6.23 -28.66 -18.32
CA PHE A 150 6.31 -30.07 -17.97
C PHE A 150 6.05 -30.98 -19.17
N SER A 151 6.76 -30.69 -20.25
CA SER A 151 6.67 -31.44 -21.50
C SER A 151 7.98 -31.15 -22.20
N GLN A 152 8.61 -32.16 -22.79
CA GLN A 152 9.89 -31.94 -23.46
C GLN A 152 9.79 -30.84 -24.49
N TYR A 153 8.63 -30.74 -25.15
CA TYR A 153 8.39 -29.71 -26.16
C TYR A 153 7.13 -28.93 -25.82
N THR A 154 7.19 -27.61 -25.98
CA THR A 154 6.03 -26.77 -25.71
C THR A 154 5.95 -25.60 -26.67
N VAL A 155 4.74 -25.04 -26.78
CA VAL A 155 4.50 -23.92 -27.67
C VAL A 155 4.11 -22.71 -26.83
N VAL A 156 4.85 -21.62 -27.01
CA VAL A 156 4.58 -20.42 -26.26
C VAL A 156 4.46 -19.20 -27.17
N SER A 157 3.89 -18.13 -26.63
CA SER A 157 3.72 -16.88 -27.36
C SER A 157 5.05 -16.13 -27.36
N GLU A 158 5.32 -15.43 -28.46
CA GLU A 158 6.53 -14.66 -28.62
C GLU A 158 6.70 -13.62 -27.51
N ALA A 159 5.57 -13.22 -26.92
CA ALA A 159 5.57 -12.23 -25.86
C ALA A 159 5.91 -12.88 -24.54
N ASN A 160 5.98 -14.22 -24.54
CA ASN A 160 6.27 -14.88 -23.30
C ASN A 160 7.63 -15.54 -23.20
N LEU A 161 8.61 -15.04 -23.94
CA LEU A 161 9.96 -15.57 -23.85
C LEU A 161 11.02 -14.59 -24.29
N ALA A 162 12.25 -14.84 -23.86
CA ALA A 162 13.38 -14.00 -24.19
C ALA A 162 14.54 -14.88 -24.67
N ARG A 163 15.29 -14.37 -25.64
CA ARG A 163 16.44 -15.11 -26.14
C ARG A 163 17.59 -14.68 -25.25
N VAL A 164 18.30 -15.65 -24.73
CA VAL A 164 19.41 -15.39 -23.83
C VAL A 164 20.77 -15.87 -24.36
N ASP A 165 21.82 -15.48 -23.67
CA ASP A 165 23.19 -15.83 -24.02
C ASP A 165 23.36 -17.29 -24.47
N ASP A 166 23.94 -17.47 -25.66
CA ASP A 166 24.15 -18.82 -26.22
C ASP A 166 24.94 -19.72 -25.29
N GLU A 167 25.69 -19.13 -24.38
CA GLU A 167 26.50 -19.92 -23.46
C GLU A 167 25.91 -19.97 -22.07
N ALA A 168 24.58 -19.97 -22.01
CA ALA A 168 23.89 -20.01 -20.72
C ALA A 168 23.71 -21.44 -20.28
N ASN A 169 24.04 -21.72 -19.03
CA ASN A 169 23.86 -23.05 -18.46
C ASN A 169 22.36 -23.22 -18.19
N LEU A 170 21.64 -23.68 -19.20
CA LEU A 170 20.20 -23.88 -19.11
C LEU A 170 19.72 -24.69 -17.90
N GLU A 171 20.61 -25.42 -17.26
CA GLU A 171 20.22 -26.23 -16.09
C GLU A 171 20.34 -25.47 -14.80
N ARG A 172 20.58 -24.16 -14.93
CA ARG A 172 20.68 -23.27 -13.78
C ARG A 172 19.90 -22.00 -14.09
N VAL A 173 20.14 -21.45 -15.27
CA VAL A 173 19.48 -20.24 -15.70
C VAL A 173 17.97 -20.43 -15.86
N CYS A 174 17.51 -21.66 -15.69
CA CYS A 174 16.08 -21.92 -15.82
C CYS A 174 15.33 -21.32 -14.62
N LEU A 175 16.04 -21.12 -13.51
CA LEU A 175 15.45 -20.54 -12.29
C LEU A 175 15.06 -19.08 -12.50
N ILE A 176 15.59 -18.48 -13.56
CA ILE A 176 15.29 -17.09 -13.86
C ILE A 176 13.91 -17.09 -14.49
N GLY A 177 13.45 -18.28 -14.86
CA GLY A 177 12.13 -18.44 -15.46
C GLY A 177 11.03 -18.05 -14.50
N CYS A 178 11.36 -17.95 -13.22
CA CYS A 178 10.37 -17.57 -12.22
C CYS A 178 10.94 -17.34 -10.82
N GLY A 179 11.08 -18.42 -10.06
CA GLY A 179 11.60 -18.35 -8.70
C GLY A 179 12.58 -17.26 -8.34
N PHE A 180 13.79 -17.31 -8.90
CA PHE A 180 14.81 -16.31 -8.61
C PHE A 180 14.35 -14.91 -9.00
N SER A 181 13.98 -14.72 -10.27
CA SER A 181 13.54 -13.43 -10.75
C SER A 181 12.48 -12.79 -9.88
N SER A 182 11.59 -13.60 -9.34
CA SER A 182 10.50 -13.10 -8.51
C SER A 182 10.97 -12.51 -7.19
N GLY A 183 11.66 -13.32 -6.40
CA GLY A 183 12.14 -12.81 -5.13
C GLY A 183 13.19 -11.72 -5.30
N TYR A 184 14.08 -11.93 -6.26
CA TYR A 184 15.15 -10.98 -6.54
C TYR A 184 14.54 -9.63 -6.91
N GLY A 185 13.71 -9.64 -7.93
CA GLY A 185 13.07 -8.41 -8.37
C GLY A 185 12.19 -7.73 -7.32
N ALA A 186 11.49 -8.53 -6.52
CA ALA A 186 10.61 -7.98 -5.49
C ALA A 186 11.36 -6.97 -4.62
N ALA A 187 12.52 -7.37 -4.13
CA ALA A 187 13.33 -6.49 -3.28
C ALA A 187 13.89 -5.32 -4.07
N ILE A 188 14.43 -5.60 -5.24
CA ILE A 188 15.04 -4.57 -6.06
C ILE A 188 14.04 -3.63 -6.73
N ASN A 189 13.00 -4.18 -7.34
CA ASN A 189 12.02 -3.37 -8.06
C ASN A 189 10.76 -2.93 -7.32
N THR A 190 10.03 -3.87 -6.76
CA THR A 190 8.77 -3.58 -6.07
C THR A 190 8.94 -2.95 -4.69
N ALA A 191 9.75 -3.58 -3.83
CA ALA A 191 9.98 -3.06 -2.49
C ALA A 191 10.88 -1.83 -2.55
N LYS A 192 11.86 -1.89 -3.46
CA LYS A 192 12.83 -0.84 -3.67
C LYS A 192 13.73 -0.66 -2.47
N VAL A 193 14.37 -1.75 -2.05
CA VAL A 193 15.28 -1.73 -0.92
C VAL A 193 16.45 -0.77 -1.19
N THR A 194 16.70 0.13 -0.25
CA THR A 194 17.76 1.13 -0.40
C THR A 194 18.99 0.82 0.44
N PRO A 195 20.12 1.45 0.11
CA PRO A 195 21.36 1.23 0.87
C PRO A 195 21.21 1.61 2.35
N GLY A 196 21.81 0.82 3.22
CA GLY A 196 21.75 1.09 4.65
C GLY A 196 20.47 0.72 5.38
N SER A 197 19.43 0.36 4.64
CA SER A 197 18.14 0.04 5.22
C SER A 197 18.04 -1.33 5.88
N THR A 198 16.98 -1.51 6.65
CA THR A 198 16.76 -2.79 7.34
C THR A 198 15.58 -3.51 6.67
N CYS A 199 15.75 -4.80 6.42
CA CYS A 199 14.71 -5.60 5.77
C CYS A 199 14.37 -6.88 6.51
N ALA A 200 13.15 -7.35 6.30
CA ALA A 200 12.65 -8.59 6.90
C ALA A 200 12.04 -9.39 5.75
N VAL A 201 12.36 -10.68 5.68
CA VAL A 201 11.80 -11.54 4.64
C VAL A 201 11.13 -12.76 5.28
N PHE A 202 9.91 -13.05 4.88
CA PHE A 202 9.18 -14.20 5.41
C PHE A 202 9.04 -15.29 4.35
N GLY A 203 9.52 -16.49 4.67
CA GLY A 203 9.44 -17.57 3.70
C GLY A 203 10.84 -17.71 3.14
N LEU A 204 11.50 -18.84 3.43
CA LEU A 204 12.85 -19.01 2.97
C LEU A 204 13.01 -20.06 1.89
N GLY A 205 12.09 -20.03 0.93
CA GLY A 205 12.12 -20.95 -0.19
C GLY A 205 12.93 -20.28 -1.27
N CYS A 206 12.78 -20.70 -2.52
CA CYS A 206 13.54 -20.10 -3.60
C CYS A 206 13.30 -18.59 -3.70
N VAL A 207 12.03 -18.21 -3.75
CA VAL A 207 11.68 -16.80 -3.83
C VAL A 207 12.26 -16.08 -2.63
N GLY A 208 11.82 -16.48 -1.44
CA GLY A 208 12.29 -15.86 -0.22
C GLY A 208 13.79 -15.62 -0.16
N LEU A 209 14.57 -16.60 -0.61
CA LEU A 209 16.03 -16.51 -0.62
C LEU A 209 16.54 -15.55 -1.67
N SER A 210 15.89 -15.54 -2.83
CA SER A 210 16.27 -14.63 -3.90
C SER A 210 15.97 -13.20 -3.43
N ALA A 211 14.93 -13.08 -2.62
CA ALA A 211 14.54 -11.78 -2.07
C ALA A 211 15.66 -11.29 -1.18
N ILE A 212 16.33 -12.23 -0.53
CA ILE A 212 17.45 -11.93 0.35
C ILE A 212 18.64 -11.49 -0.49
N ILE A 213 18.88 -12.23 -1.57
CA ILE A 213 19.96 -11.94 -2.50
C ILE A 213 19.78 -10.50 -2.98
N GLY A 214 18.57 -10.18 -3.44
CA GLY A 214 18.26 -8.85 -3.91
C GLY A 214 18.46 -7.74 -2.88
N CYS A 215 18.13 -8.03 -1.62
CA CYS A 215 18.29 -7.04 -0.55
C CYS A 215 19.77 -6.75 -0.36
N LYS A 216 20.57 -7.80 -0.47
CA LYS A 216 22.02 -7.70 -0.33
C LYS A 216 22.53 -6.79 -1.43
N ILE A 217 22.09 -7.07 -2.66
CA ILE A 217 22.50 -6.29 -3.83
C ILE A 217 22.08 -4.83 -3.73
N ALA A 218 20.86 -4.59 -3.24
CA ALA A 218 20.37 -3.23 -3.08
C ALA A 218 21.14 -2.49 -1.97
N GLY A 219 21.94 -3.23 -1.21
CA GLY A 219 22.71 -2.61 -0.16
C GLY A 219 22.12 -2.52 1.24
N ALA A 220 21.18 -3.40 1.57
CA ALA A 220 20.59 -3.38 2.91
C ALA A 220 21.72 -3.59 3.90
N SER A 221 21.52 -3.14 5.14
CA SER A 221 22.54 -3.29 6.17
C SER A 221 22.15 -4.38 7.14
N ARG A 222 20.88 -4.77 7.10
CA ARG A 222 20.37 -5.83 7.97
C ARG A 222 19.22 -6.52 7.27
N ILE A 223 19.31 -7.84 7.17
CA ILE A 223 18.28 -8.60 6.51
C ILE A 223 17.82 -9.69 7.46
N ILE A 224 16.63 -9.51 8.02
CA ILE A 224 16.11 -10.50 8.96
C ILE A 224 15.35 -11.57 8.20
N ALA A 225 15.72 -12.81 8.45
CA ALA A 225 15.05 -13.93 7.79
C ALA A 225 14.13 -14.67 8.75
N ILE A 226 12.86 -14.79 8.36
CA ILE A 226 11.86 -15.46 9.18
C ILE A 226 11.32 -16.70 8.48
N ASP A 227 11.15 -17.78 9.24
CA ASP A 227 10.61 -19.03 8.71
C ASP A 227 10.32 -20.02 9.85
N ILE A 228 9.32 -20.88 9.65
CA ILE A 228 8.97 -21.87 10.66
C ILE A 228 9.78 -23.14 10.45
N ASN A 229 10.68 -23.12 9.46
CA ASN A 229 11.51 -24.27 9.14
C ASN A 229 12.98 -23.92 9.38
N GLY A 230 13.45 -24.09 10.61
CA GLY A 230 14.84 -23.76 10.93
C GLY A 230 15.88 -24.28 9.95
N GLU A 231 15.57 -25.34 9.22
CA GLU A 231 16.50 -25.91 8.24
C GLU A 231 16.91 -24.93 7.15
N LYS A 232 16.06 -23.93 6.91
CA LYS A 232 16.29 -22.95 5.87
C LYS A 232 17.19 -21.80 6.28
N PHE A 233 17.54 -21.73 7.56
CA PHE A 233 18.39 -20.65 8.04
C PHE A 233 19.86 -20.64 7.55
N PRO A 234 20.49 -21.82 7.41
CA PRO A 234 21.89 -21.86 6.95
C PRO A 234 22.09 -21.22 5.59
N LYS A 235 21.25 -21.59 4.63
CA LYS A 235 21.36 -21.03 3.28
C LYS A 235 20.93 -19.56 3.29
N ALA A 236 19.89 -19.26 4.06
CA ALA A 236 19.42 -17.89 4.15
C ALA A 236 20.58 -16.98 4.58
N LYS A 237 21.32 -17.42 5.59
CA LYS A 237 22.46 -16.64 6.07
C LYS A 237 23.57 -16.62 5.04
N ALA A 238 23.77 -17.75 4.36
CA ALA A 238 24.80 -17.87 3.34
C ALA A 238 24.55 -16.88 2.19
N LEU A 239 23.29 -16.52 1.99
CA LEU A 239 22.92 -15.58 0.93
C LEU A 239 22.89 -14.11 1.36
N GLY A 240 23.00 -13.85 2.66
CA GLY A 240 23.01 -12.45 3.10
C GLY A 240 22.27 -12.11 4.38
N ALA A 241 21.56 -13.08 4.95
CA ALA A 241 20.81 -12.85 6.19
C ALA A 241 21.72 -12.57 7.40
N THR A 242 21.47 -11.46 8.09
CA THR A 242 22.26 -11.12 9.26
C THR A 242 21.57 -11.58 10.54
N ASP A 243 20.29 -11.94 10.45
CA ASP A 243 19.54 -12.40 11.62
C ASP A 243 18.52 -13.44 11.18
N CYS A 244 18.25 -14.43 12.03
CA CYS A 244 17.28 -15.48 11.70
C CYS A 244 16.27 -15.77 12.81
N LEU A 245 14.99 -15.83 12.46
CA LEU A 245 13.94 -16.07 13.43
C LEU A 245 12.95 -17.17 13.05
N ASN A 246 12.50 -17.89 14.08
CA ASN A 246 11.54 -18.97 13.89
C ASN A 246 10.38 -18.72 14.83
N PRO A 247 9.23 -18.31 14.29
CA PRO A 247 8.00 -18.02 15.04
C PRO A 247 7.51 -19.18 15.91
N ARG A 248 7.90 -20.41 15.56
CA ARG A 248 7.52 -21.59 16.33
C ARG A 248 8.28 -21.68 17.66
N GLU A 249 9.40 -20.98 17.75
CA GLU A 249 10.23 -21.00 18.94
C GLU A 249 10.27 -19.67 19.67
N LEU A 250 9.23 -18.86 19.52
CA LEU A 250 9.18 -17.57 20.19
C LEU A 250 7.91 -17.42 21.04
N ASP A 251 8.04 -16.73 22.17
CA ASP A 251 6.92 -16.48 23.09
C ASP A 251 6.08 -15.29 22.65
N LYS A 252 6.69 -14.41 21.88
CA LYS A 252 5.99 -13.23 21.39
C LYS A 252 5.83 -13.31 19.88
N PRO A 253 4.80 -12.63 19.34
CA PRO A 253 4.61 -12.67 17.89
C PRO A 253 5.92 -12.19 17.28
N VAL A 254 6.34 -12.83 16.19
CA VAL A 254 7.60 -12.47 15.56
C VAL A 254 7.70 -10.98 15.23
N GLN A 255 6.58 -10.37 14.85
CA GLN A 255 6.60 -8.96 14.52
C GLN A 255 7.00 -8.08 15.73
N ASP A 256 6.75 -8.58 16.94
CA ASP A 256 7.10 -7.82 18.14
C ASP A 256 8.57 -8.04 18.45
N VAL A 257 9.07 -9.20 18.03
CA VAL A 257 10.47 -9.55 18.21
C VAL A 257 11.27 -8.63 17.28
N ILE A 258 10.83 -8.58 16.03
CA ILE A 258 11.46 -7.75 15.00
C ILE A 258 11.41 -6.27 15.35
N THR A 259 10.26 -5.81 15.85
CA THR A 259 10.10 -4.41 16.23
C THR A 259 11.15 -4.03 17.28
N GLU A 260 11.20 -4.80 18.36
CA GLU A 260 12.16 -4.54 19.42
C GLU A 260 13.59 -4.63 18.90
N LEU A 261 13.89 -5.76 18.28
CA LEU A 261 15.21 -6.02 17.73
C LEU A 261 15.72 -4.86 16.88
N THR A 262 14.80 -4.16 16.23
CA THR A 262 15.15 -3.05 15.38
C THR A 262 14.76 -1.70 15.95
N ALA A 263 14.31 -1.71 17.19
CA ALA A 263 13.91 -0.49 17.89
C ALA A 263 12.94 0.33 17.05
N GLY A 264 11.82 -0.27 16.68
CA GLY A 264 10.84 0.44 15.87
C GLY A 264 10.29 -0.44 14.75
N GLY A 265 11.19 -1.12 14.05
CA GLY A 265 10.79 -2.00 12.96
C GLY A 265 11.73 -1.93 11.77
N VAL A 266 11.42 -2.72 10.74
CA VAL A 266 12.23 -2.75 9.52
C VAL A 266 11.74 -1.68 8.54
N ASP A 267 12.64 -1.24 7.66
CA ASP A 267 12.27 -0.26 6.67
C ASP A 267 11.44 -0.91 5.55
N TYR A 268 11.84 -2.12 5.16
CA TYR A 268 11.16 -2.85 4.10
C TYR A 268 10.94 -4.29 4.51
N SER A 269 9.74 -4.80 4.27
CA SER A 269 9.44 -6.19 4.58
C SER A 269 8.91 -6.85 3.33
N LEU A 270 9.29 -8.11 3.11
CA LEU A 270 8.84 -8.89 1.96
C LEU A 270 8.29 -10.23 2.45
N ASP A 271 7.04 -10.51 2.10
CA ASP A 271 6.40 -11.75 2.51
C ASP A 271 6.43 -12.75 1.37
N CYS A 272 7.32 -13.72 1.48
CA CYS A 272 7.48 -14.74 0.47
C CYS A 272 6.90 -16.06 0.93
N ALA A 273 6.07 -16.02 1.97
CA ALA A 273 5.40 -17.21 2.46
C ALA A 273 3.97 -17.01 1.99
N GLY A 274 3.36 -15.91 2.43
CA GLY A 274 2.01 -15.58 2.01
C GLY A 274 0.84 -16.09 2.83
N THR A 275 1.07 -16.43 4.09
CA THR A 275 0.00 -16.92 4.96
C THR A 275 -0.68 -15.75 5.68
N ALA A 276 -1.84 -16.03 6.29
CA ALA A 276 -2.56 -15.01 7.04
C ALA A 276 -1.63 -14.48 8.12
N GLN A 277 -0.81 -15.37 8.69
CA GLN A 277 0.11 -14.97 9.74
C GLN A 277 1.18 -14.04 9.21
N THR A 278 1.93 -14.52 8.21
CA THR A 278 3.03 -13.75 7.63
C THR A 278 2.61 -12.38 7.07
N LEU A 279 1.46 -12.33 6.40
CA LEU A 279 0.98 -11.07 5.84
C LEU A 279 0.77 -10.05 6.96
N LYS A 280 0.00 -10.41 7.98
CA LYS A 280 -0.25 -9.51 9.10
C LYS A 280 1.08 -9.09 9.73
N ALA A 281 1.94 -10.08 9.93
CA ALA A 281 3.26 -9.86 10.53
C ALA A 281 4.17 -9.03 9.64
N ALA A 282 4.07 -9.25 8.33
CA ALA A 282 4.90 -8.53 7.37
C ALA A 282 4.61 -7.04 7.41
N VAL A 283 3.37 -6.69 7.71
CA VAL A 283 3.00 -5.28 7.78
C VAL A 283 3.36 -4.70 9.15
N ASP A 284 2.98 -5.41 10.21
CA ASP A 284 3.27 -4.98 11.58
C ASP A 284 4.74 -4.65 11.84
N CYS A 285 5.63 -5.59 11.52
CA CYS A 285 7.06 -5.46 11.76
C CYS A 285 7.78 -4.28 11.14
N THR A 286 7.10 -3.51 10.29
CA THR A 286 7.74 -2.35 9.66
C THR A 286 7.71 -1.11 10.54
N VAL A 287 8.60 -0.16 10.28
CA VAL A 287 8.62 1.08 11.05
C VAL A 287 7.47 1.95 10.59
N LEU A 288 6.88 2.70 11.52
CA LEU A 288 5.80 3.61 11.18
C LEU A 288 6.44 4.82 10.49
N GLY A 289 5.63 5.60 9.79
CA GLY A 289 6.14 6.76 9.11
C GLY A 289 6.47 6.49 7.66
N TRP A 290 7.35 5.52 7.42
CA TRP A 290 7.77 5.19 6.07
C TRP A 290 7.94 3.70 5.83
N GLY A 291 7.42 2.89 6.74
CA GLY A 291 7.53 1.45 6.61
C GLY A 291 6.90 0.98 5.33
N SER A 292 7.51 -0.01 4.68
CA SER A 292 6.98 -0.55 3.43
C SER A 292 6.91 -2.06 3.43
N CYS A 293 5.75 -2.59 3.07
CA CYS A 293 5.53 -4.03 3.01
C CYS A 293 5.25 -4.41 1.56
N THR A 294 5.88 -5.48 1.10
CA THR A 294 5.70 -5.93 -0.27
C THR A 294 5.22 -7.38 -0.28
N VAL A 295 4.05 -7.62 -0.84
CA VAL A 295 3.52 -8.97 -0.89
C VAL A 295 4.12 -9.70 -2.11
N VAL A 296 4.78 -10.82 -1.85
CA VAL A 296 5.40 -11.60 -2.91
C VAL A 296 4.66 -12.92 -3.00
N GLY A 297 4.56 -13.59 -1.86
CA GLY A 297 3.85 -14.85 -1.79
C GLY A 297 2.43 -14.60 -1.30
N ALA A 298 1.54 -15.55 -1.53
CA ALA A 298 0.15 -15.41 -1.11
C ALA A 298 -0.60 -16.72 -1.23
N LYS A 299 -0.86 -17.33 -0.08
CA LYS A 299 -1.58 -18.59 -0.04
C LYS A 299 -3.04 -18.29 0.28
N VAL A 300 -3.31 -17.06 0.67
CA VAL A 300 -4.67 -16.63 1.01
C VAL A 300 -5.16 -15.53 0.08
N ASP A 301 -6.47 -15.32 -0.02
CA ASP A 301 -7.02 -14.30 -0.92
C ASP A 301 -7.08 -12.89 -0.36
N GLU A 302 -6.93 -12.75 0.94
CA GLU A 302 -7.02 -11.43 1.54
C GLU A 302 -6.16 -11.18 2.76
N MET A 303 -5.87 -9.91 3.01
CA MET A 303 -5.08 -9.52 4.16
C MET A 303 -5.80 -8.38 4.85
N THR A 304 -5.89 -8.45 6.16
CA THR A 304 -6.57 -7.43 6.95
C THR A 304 -5.56 -6.45 7.50
N ILE A 305 -5.66 -5.21 7.03
CA ILE A 305 -4.76 -4.14 7.43
C ILE A 305 -5.46 -3.12 8.30
N PRO A 306 -4.91 -2.83 9.49
CA PRO A 306 -5.53 -1.85 10.39
C PRO A 306 -5.51 -0.45 9.77
N THR A 307 -6.61 0.28 9.89
CA THR A 307 -6.69 1.63 9.31
C THR A 307 -5.60 2.52 9.90
N VAL A 308 -5.45 2.53 11.22
CA VAL A 308 -4.45 3.40 11.86
C VAL A 308 -3.04 3.21 11.33
N ASP A 309 -2.66 1.96 11.07
CA ASP A 309 -1.32 1.65 10.58
C ASP A 309 -1.01 2.45 9.33
N VAL A 310 -1.90 2.34 8.37
CA VAL A 310 -1.76 3.02 7.10
C VAL A 310 -1.72 4.53 7.29
N ILE A 311 -2.62 5.05 8.11
CA ILE A 311 -2.67 6.47 8.38
C ILE A 311 -1.34 6.92 9.00
N LEU A 312 -0.83 6.11 9.91
CA LEU A 312 0.41 6.43 10.58
C LEU A 312 1.70 6.17 9.80
N GLY A 313 1.59 6.03 8.48
CA GLY A 313 2.80 5.86 7.67
C GLY A 313 3.16 4.56 6.99
N ARG A 314 2.62 3.43 7.43
CA ARG A 314 2.98 2.18 6.78
C ARG A 314 2.23 2.13 5.46
N SER A 315 2.86 1.58 4.42
CA SER A 315 2.22 1.45 3.13
C SER A 315 2.37 0.01 2.62
N ILE A 316 1.52 -0.37 1.68
CA ILE A 316 1.53 -1.72 1.14
C ILE A 316 1.48 -1.81 -0.38
N ASN A 317 2.15 -2.82 -0.93
CA ASN A 317 2.13 -3.08 -2.36
C ASN A 317 2.56 -4.53 -2.59
N GLY A 318 2.67 -4.93 -3.86
CA GLY A 318 3.06 -6.29 -4.15
C GLY A 318 3.72 -6.43 -5.50
N THR A 319 4.40 -7.56 -5.70
CA THR A 319 5.11 -7.79 -6.95
C THR A 319 4.46 -8.86 -7.82
N PHE A 320 4.76 -8.76 -9.11
CA PHE A 320 4.29 -9.70 -10.12
C PHE A 320 5.54 -9.99 -10.95
N PHE A 321 6.11 -11.17 -10.76
CA PHE A 321 7.32 -11.54 -11.47
C PHE A 321 8.46 -10.57 -11.13
N GLY A 322 8.56 -10.19 -9.85
CA GLY A 322 9.61 -9.29 -9.41
C GLY A 322 9.59 -7.91 -10.05
N GLY A 323 8.55 -7.64 -10.83
CA GLY A 323 8.46 -6.35 -11.48
C GLY A 323 9.47 -6.16 -12.59
N TRP A 324 9.95 -7.26 -13.18
CA TRP A 324 10.89 -7.14 -14.29
C TRP A 324 10.09 -6.97 -15.57
N LYS A 325 10.56 -6.11 -16.46
CA LYS A 325 9.92 -5.96 -17.76
C LYS A 325 10.44 -7.22 -18.46
N SER A 326 9.67 -8.29 -18.35
CA SER A 326 10.00 -9.60 -18.90
C SER A 326 11.06 -9.74 -19.98
N VAL A 327 10.64 -9.55 -21.22
CA VAL A 327 11.53 -9.72 -22.36
C VAL A 327 12.84 -8.93 -22.29
N ASP A 328 12.79 -7.71 -21.75
CA ASP A 328 14.00 -6.90 -21.65
C ASP A 328 14.91 -7.29 -20.50
N SER A 329 14.30 -7.59 -19.35
CA SER A 329 15.08 -7.95 -18.16
C SER A 329 15.72 -9.33 -18.13
N VAL A 330 14.95 -10.37 -18.41
CA VAL A 330 15.47 -11.73 -18.36
C VAL A 330 16.86 -11.94 -18.97
N PRO A 331 17.10 -11.46 -20.20
CA PRO A 331 18.45 -11.69 -20.75
C PRO A 331 19.51 -11.02 -19.88
N ASN A 332 19.16 -9.90 -19.27
CA ASN A 332 20.09 -9.17 -18.43
C ASN A 332 20.41 -9.95 -17.17
N LEU A 333 19.41 -10.62 -16.63
CA LEU A 333 19.62 -11.42 -15.45
C LEU A 333 20.63 -12.53 -15.76
N VAL A 334 20.51 -13.10 -16.95
CA VAL A 334 21.42 -14.17 -17.38
C VAL A 334 22.85 -13.66 -17.44
N SER A 335 23.05 -12.50 -18.06
CA SER A 335 24.40 -11.93 -18.15
C SER A 335 24.92 -11.75 -16.74
N ASP A 336 24.10 -11.20 -15.85
CA ASP A 336 24.53 -11.00 -14.47
C ASP A 336 24.97 -12.30 -13.84
N TYR A 337 24.28 -13.39 -14.16
CA TYR A 337 24.63 -14.68 -13.58
C TYR A 337 25.97 -15.16 -14.13
N LYS A 338 26.23 -14.85 -15.39
CA LYS A 338 27.49 -15.22 -16.03
C LYS A 338 28.62 -14.41 -15.40
N ASN A 339 28.36 -13.13 -15.15
CA ASN A 339 29.34 -12.25 -14.54
C ASN A 339 29.43 -12.50 -13.04
N LYS A 340 28.82 -13.62 -12.61
CA LYS A 340 28.83 -14.03 -11.22
C LYS A 340 28.28 -12.94 -10.29
N LYS A 341 27.20 -12.30 -10.70
CA LYS A 341 26.63 -11.24 -9.88
C LYS A 341 25.91 -11.90 -8.70
N PHE A 342 25.49 -13.14 -8.89
CA PHE A 342 24.80 -13.89 -7.85
C PHE A 342 24.89 -15.38 -8.16
N ASP A 343 24.64 -16.23 -7.17
CA ASP A 343 24.76 -17.66 -7.38
C ASP A 343 23.49 -18.48 -7.28
N LEU A 344 22.91 -18.80 -8.44
CA LEU A 344 21.70 -19.61 -8.50
C LEU A 344 22.03 -21.02 -8.04
N ASP A 345 23.29 -21.39 -8.21
CA ASP A 345 23.75 -22.71 -7.82
C ASP A 345 23.30 -23.05 -6.40
N LEU A 346 23.28 -22.04 -5.53
CA LEU A 346 22.88 -22.23 -4.14
C LEU A 346 21.40 -22.49 -3.97
N LEU A 347 20.63 -22.23 -5.02
CA LEU A 347 19.19 -22.44 -4.94
C LEU A 347 18.81 -23.87 -5.38
N VAL A 348 19.78 -24.64 -5.86
CA VAL A 348 19.53 -26.01 -6.32
C VAL A 348 19.94 -27.04 -5.27
N THR A 349 18.95 -27.81 -4.82
CA THR A 349 19.13 -28.83 -3.80
C THR A 349 19.05 -30.26 -4.35
N HIS A 350 18.35 -30.43 -5.48
CA HIS A 350 18.18 -31.75 -6.10
C HIS A 350 18.12 -31.60 -7.61
N ALA A 351 18.37 -32.71 -8.30
CA ALA A 351 18.34 -32.77 -9.76
C ALA A 351 17.88 -34.17 -10.20
N LEU A 352 16.61 -34.30 -10.52
CA LEU A 352 16.04 -35.57 -10.90
C LEU A 352 15.57 -35.66 -12.33
N PRO A 353 15.39 -36.89 -12.83
CA PRO A 353 14.92 -37.11 -14.20
C PRO A 353 13.48 -36.65 -14.24
N PHE A 354 13.04 -36.17 -15.39
CA PHE A 354 11.67 -35.70 -15.53
C PHE A 354 10.66 -36.70 -14.94
N GLU A 355 10.92 -37.99 -15.12
CA GLU A 355 10.01 -39.02 -14.62
C GLU A 355 9.76 -38.98 -13.11
N SER A 356 10.70 -38.39 -12.36
CA SER A 356 10.58 -38.31 -10.91
C SER A 356 9.91 -37.01 -10.46
N ILE A 357 9.22 -36.32 -11.36
CA ILE A 357 8.60 -35.06 -11.00
C ILE A 357 7.71 -35.12 -9.77
N ASN A 358 7.00 -36.24 -9.58
CA ASN A 358 6.14 -36.39 -8.42
C ASN A 358 6.95 -36.41 -7.14
N ASP A 359 8.19 -36.89 -7.21
CA ASP A 359 9.05 -36.91 -6.03
C ASP A 359 9.51 -35.48 -5.74
N ALA A 360 9.80 -34.75 -6.82
CA ALA A 360 10.25 -33.37 -6.69
C ALA A 360 9.11 -32.56 -6.07
N ILE A 361 7.88 -32.96 -6.37
CA ILE A 361 6.73 -32.26 -5.82
C ILE A 361 6.62 -32.56 -4.34
N ASP A 362 6.81 -33.82 -3.96
CA ASP A 362 6.73 -34.21 -2.55
C ASP A 362 7.81 -33.50 -1.74
N LEU A 363 9.04 -33.51 -2.26
CA LEU A 363 10.16 -32.85 -1.59
C LEU A 363 9.81 -31.39 -1.28
N MET A 364 9.18 -30.72 -2.25
CA MET A 364 8.78 -29.34 -2.07
C MET A 364 7.74 -29.27 -0.97
N LYS A 365 6.70 -30.10 -1.08
CA LYS A 365 5.62 -30.15 -0.08
C LYS A 365 6.18 -30.38 1.32
N GLU A 366 7.13 -31.30 1.42
CA GLU A 366 7.76 -31.66 2.68
C GLU A 366 8.89 -30.69 3.05
N GLY A 367 8.94 -29.56 2.36
CA GLY A 367 9.96 -28.56 2.64
C GLY A 367 11.39 -29.06 2.77
N LYS A 368 11.73 -30.09 2.01
CA LYS A 368 13.10 -30.62 2.08
C LYS A 368 13.95 -30.12 0.93
N SER A 369 13.38 -29.28 0.07
CA SER A 369 14.11 -28.74 -1.07
C SER A 369 13.83 -27.27 -1.36
N ILE A 370 14.73 -26.65 -2.11
CA ILE A 370 14.58 -25.27 -2.53
C ILE A 370 14.11 -25.45 -3.97
N ARG A 371 14.97 -26.04 -4.79
CA ARG A 371 14.63 -26.30 -6.18
C ARG A 371 15.18 -27.66 -6.60
N THR A 372 14.48 -28.32 -7.51
CA THR A 372 14.89 -29.61 -8.00
C THR A 372 14.86 -29.58 -9.51
N ILE A 373 16.04 -29.50 -10.12
CA ILE A 373 16.13 -29.48 -11.57
C ILE A 373 15.58 -30.79 -12.13
N LEU A 374 14.79 -30.68 -13.18
CA LEU A 374 14.22 -31.84 -13.82
C LEU A 374 14.72 -31.77 -15.25
N THR A 375 15.31 -32.86 -15.73
CA THR A 375 15.85 -32.95 -17.08
C THR A 375 15.22 -34.11 -17.85
N PHE A 376 15.07 -33.94 -19.17
CA PHE A 376 14.50 -34.98 -20.01
C PHE A 376 15.58 -35.88 -20.62
N GLY B 4 1.54 36.03 34.25
CA GLY B 4 1.08 34.62 34.42
C GLY B 4 -0.17 34.51 35.28
N LYS B 5 -1.20 35.29 34.93
CA LYS B 5 -2.43 35.28 35.70
C LYS B 5 -3.42 34.22 35.24
N VAL B 6 -4.13 33.60 36.17
CA VAL B 6 -5.14 32.60 35.84
C VAL B 6 -6.26 33.33 35.08
N ILE B 7 -6.88 32.64 34.13
CA ILE B 7 -7.95 33.24 33.34
C ILE B 7 -9.26 32.49 33.43
N LYS B 8 -10.35 33.25 33.52
CA LYS B 8 -11.68 32.67 33.59
C LYS B 8 -12.42 32.95 32.30
N CYS B 9 -12.81 31.87 31.63
CA CYS B 9 -13.54 31.97 30.37
C CYS B 9 -14.45 30.78 30.22
N LYS B 10 -15.26 30.82 29.17
CA LYS B 10 -16.18 29.75 28.86
C LYS B 10 -15.48 28.76 27.93
N ALA B 11 -15.87 27.50 28.03
CA ALA B 11 -15.32 26.45 27.20
C ALA B 11 -16.39 25.37 27.12
N ALA B 12 -16.19 24.40 26.24
CA ALA B 12 -17.14 23.31 26.08
C ALA B 12 -16.58 22.05 26.71
N ILE B 13 -17.22 21.57 27.77
CA ILE B 13 -16.75 20.38 28.44
C ILE B 13 -17.61 19.13 28.23
N ALA B 14 -16.94 18.01 27.97
CA ALA B 14 -17.61 16.74 27.78
C ALA B 14 -17.25 15.98 29.05
N TRP B 15 -18.25 15.72 29.89
CA TRP B 15 -18.03 15.00 31.14
C TRP B 15 -18.13 13.49 30.97
N LYS B 16 -18.66 13.02 29.83
CA LYS B 16 -18.79 11.58 29.56
C LYS B 16 -19.39 11.25 28.19
N THR B 17 -19.36 9.96 27.81
CA THR B 17 -19.90 9.53 26.53
C THR B 17 -21.43 9.59 26.54
N GLY B 18 -22.02 9.79 25.37
CA GLY B 18 -23.46 9.88 25.26
C GLY B 18 -23.92 11.28 25.55
N SER B 19 -23.41 11.85 26.65
CA SER B 19 -23.77 13.21 27.05
C SER B 19 -23.01 14.23 26.20
N PRO B 20 -23.74 15.15 25.55
CA PRO B 20 -23.13 16.17 24.71
C PRO B 20 -22.17 17.06 25.48
N LEU B 21 -21.81 18.18 24.86
CA LEU B 21 -20.89 19.14 25.46
C LEU B 21 -21.63 20.18 26.29
N CYS B 22 -20.98 20.66 27.34
CA CYS B 22 -21.56 21.67 28.21
C CYS B 22 -20.72 22.93 28.20
N ILE B 23 -21.39 24.08 28.12
CA ILE B 23 -20.70 25.36 28.17
C ILE B 23 -20.53 25.61 29.67
N GLU B 24 -19.30 25.65 30.13
CA GLU B 24 -19.01 25.86 31.54
C GLU B 24 -18.08 27.05 31.69
N GLU B 25 -17.82 27.41 32.94
CA GLU B 25 -16.91 28.50 33.23
C GLU B 25 -15.70 27.78 33.81
N ILE B 26 -14.58 27.83 33.11
CA ILE B 26 -13.38 27.16 33.58
C ILE B 26 -12.25 28.13 33.90
N GLU B 27 -11.25 27.60 34.59
CA GLU B 27 -10.06 28.36 34.95
C GLU B 27 -8.92 27.80 34.10
N VAL B 28 -8.40 28.65 33.21
CA VAL B 28 -7.31 28.26 32.32
C VAL B 28 -6.00 28.79 32.89
N SER B 29 -5.23 27.90 33.50
CA SER B 29 -3.95 28.29 34.10
C SER B 29 -3.06 28.98 33.06
N PRO B 30 -2.02 29.70 33.52
CA PRO B 30 -1.11 30.38 32.59
C PRO B 30 -0.11 29.40 31.95
N PRO B 31 0.47 29.76 30.80
CA PRO B 31 1.42 28.86 30.15
C PRO B 31 2.75 28.74 30.88
N LYS B 32 3.22 27.52 31.06
CA LYS B 32 4.50 27.28 31.70
C LYS B 32 5.57 27.45 30.60
N ALA B 33 6.71 26.81 30.79
CA ALA B 33 7.80 26.90 29.81
C ALA B 33 7.49 26.11 28.55
N CYS B 34 7.95 26.62 27.40
CA CYS B 34 7.72 25.96 26.11
C CYS B 34 6.24 25.80 25.76
N GLU B 35 5.42 26.75 26.21
CA GLU B 35 3.98 26.70 25.93
C GLU B 35 3.44 28.09 25.65
N VAL B 36 2.35 28.13 24.91
CA VAL B 36 1.71 29.39 24.52
C VAL B 36 0.25 29.36 24.91
N ARG B 37 -0.24 30.45 25.51
CA ARG B 37 -1.65 30.51 25.85
C ARG B 37 -2.32 31.29 24.74
N ILE B 38 -3.20 30.62 24.03
CA ILE B 38 -3.91 31.16 22.88
C ILE B 38 -5.30 31.69 23.15
N GLN B 39 -5.72 32.69 22.37
CA GLN B 39 -7.07 33.21 22.48
C GLN B 39 -7.79 32.76 21.21
N VAL B 40 -8.71 31.81 21.36
CA VAL B 40 -9.45 31.28 20.22
C VAL B 40 -10.43 32.29 19.65
N ILE B 41 -10.26 32.59 18.37
CA ILE B 41 -11.10 33.55 17.66
C ILE B 41 -12.16 32.83 16.82
N ALA B 42 -11.77 31.69 16.24
CA ALA B 42 -12.67 30.89 15.40
C ALA B 42 -12.27 29.42 15.44
N THR B 43 -13.20 28.57 15.85
CA THR B 43 -12.95 27.14 15.93
C THR B 43 -14.06 26.38 15.20
N CYS B 44 -13.74 25.18 14.73
CA CYS B 44 -14.73 24.37 14.02
C CYS B 44 -14.88 23.01 14.65
N VAL B 45 -16.04 22.41 14.43
CA VAL B 45 -16.31 21.06 14.92
C VAL B 45 -15.90 20.09 13.82
N CYS B 46 -15.01 19.17 14.16
CA CYS B 46 -14.54 18.18 13.21
C CYS B 46 -14.97 16.79 13.67
N HIS B 47 -15.05 15.85 12.74
CA HIS B 47 -15.77 14.61 12.81
C HIS B 47 -15.10 13.96 14.01
N THR B 48 -13.79 14.15 14.12
CA THR B 48 -13.03 13.58 15.21
C THR B 48 -13.50 14.06 16.58
N ASP B 49 -13.90 15.32 16.68
CA ASP B 49 -14.38 15.87 17.93
C ASP B 49 -15.61 15.13 18.43
N ILE B 50 -16.55 14.91 17.52
CA ILE B 50 -17.82 14.24 17.83
C ILE B 50 -17.68 12.76 18.21
N ASN B 51 -16.62 12.11 17.76
CA ASN B 51 -16.41 10.70 18.07
C ASN B 51 -16.17 10.42 19.54
N ALA B 52 -15.50 11.36 20.22
CA ALA B 52 -15.18 11.20 21.63
C ALA B 52 -16.41 10.86 22.45
N THR B 53 -17.52 11.53 22.14
CA THR B 53 -18.77 11.33 22.85
C THR B 53 -19.49 10.04 22.48
N ASP B 54 -19.00 9.35 21.46
CA ASP B 54 -19.61 8.10 21.01
C ASP B 54 -19.09 6.96 21.88
N PRO B 55 -19.98 6.31 22.63
CA PRO B 55 -19.64 5.19 23.52
C PRO B 55 -18.79 4.09 22.88
N LYS B 56 -19.12 3.72 21.65
CA LYS B 56 -18.38 2.68 20.94
C LYS B 56 -16.94 3.10 20.64
N LYS B 57 -16.61 4.35 20.97
CA LYS B 57 -15.28 4.87 20.71
C LYS B 57 -14.53 5.19 22.00
N LYS B 58 -13.23 4.92 21.97
CA LYS B 58 -12.34 5.14 23.10
C LYS B 58 -12.09 6.64 23.32
N ALA B 59 -12.10 7.07 24.59
CA ALA B 59 -11.86 8.47 24.95
C ALA B 59 -11.79 8.67 26.46
N LEU B 60 -11.16 9.78 26.87
CA LEU B 60 -11.01 10.11 28.29
C LEU B 60 -11.90 11.30 28.68
N PHE B 61 -12.37 11.32 29.92
CA PHE B 61 -13.25 12.38 30.39
C PHE B 61 -12.89 12.78 31.81
N PRO B 62 -13.18 14.03 32.20
CA PRO B 62 -13.78 15.08 31.39
C PRO B 62 -12.72 15.67 30.45
N VAL B 63 -13.14 16.15 29.29
CA VAL B 63 -12.21 16.70 28.32
C VAL B 63 -12.69 17.96 27.62
N VAL B 64 -11.73 18.81 27.22
CA VAL B 64 -12.05 20.03 26.50
C VAL B 64 -11.71 19.69 25.04
N LEU B 65 -12.74 19.34 24.27
CA LEU B 65 -12.59 18.95 22.88
C LEU B 65 -12.15 20.06 21.92
N GLY B 66 -12.17 19.73 20.62
CA GLY B 66 -11.79 20.70 19.62
C GLY B 66 -10.31 20.70 19.28
N HIS B 67 -10.00 20.89 18.01
CA HIS B 67 -8.61 20.91 17.58
C HIS B 67 -8.40 21.72 16.31
N GLU B 68 -9.47 22.27 15.76
CA GLU B 68 -9.35 23.07 14.54
C GLU B 68 -9.73 24.50 14.86
N CYS B 69 -8.77 25.41 14.77
CA CYS B 69 -9.03 26.80 15.06
C CYS B 69 -7.85 27.67 14.68
N ALA B 70 -7.98 28.96 14.96
CA ALA B 70 -6.95 29.95 14.71
C ALA B 70 -7.11 31.00 15.81
N GLY B 71 -6.06 31.77 16.05
CA GLY B 71 -6.20 32.77 17.09
C GLY B 71 -5.06 33.75 17.19
N ILE B 72 -4.88 34.26 18.41
CA ILE B 72 -3.86 35.24 18.75
C ILE B 72 -3.08 34.71 19.94
N VAL B 73 -1.89 35.24 20.17
CA VAL B 73 -1.11 34.82 21.31
C VAL B 73 -1.54 35.67 22.49
N GLU B 74 -2.13 35.03 23.49
CA GLU B 74 -2.57 35.75 24.68
C GLU B 74 -1.33 36.06 25.50
N SER B 75 -0.51 35.04 25.71
CA SER B 75 0.74 35.20 26.46
C SER B 75 1.57 33.93 26.29
N VAL B 76 2.88 34.06 26.40
CA VAL B 76 3.75 32.91 26.24
C VAL B 76 4.35 32.50 27.58
N GLY B 77 5.11 31.41 27.58
CA GLY B 77 5.73 30.94 28.80
C GLY B 77 7.21 31.30 28.84
N PRO B 78 7.92 30.93 29.92
CA PRO B 78 9.35 31.22 30.08
C PRO B 78 10.21 30.63 28.95
N GLY B 79 11.28 31.33 28.61
CA GLY B 79 12.16 30.84 27.56
C GLY B 79 11.54 30.97 26.19
N VAL B 80 10.23 31.23 26.16
CA VAL B 80 9.52 31.39 24.90
C VAL B 80 9.89 32.74 24.31
N THR B 81 10.44 32.71 23.10
CA THR B 81 10.85 33.93 22.44
C THR B 81 10.33 33.96 21.00
N ASN B 82 9.85 32.80 20.55
CA ASN B 82 9.31 32.67 19.19
C ASN B 82 7.88 33.17 19.11
N PHE B 83 7.31 33.48 20.27
CA PHE B 83 5.94 33.96 20.37
C PHE B 83 5.80 35.15 21.31
N LYS B 84 4.79 35.98 21.06
CA LYS B 84 4.52 37.15 21.87
C LYS B 84 3.04 37.51 21.72
N PRO B 85 2.48 38.21 22.73
CA PRO B 85 1.07 38.62 22.72
C PRO B 85 0.69 39.39 21.45
N GLY B 86 -0.30 38.87 20.72
CA GLY B 86 -0.73 39.52 19.49
C GLY B 86 -0.42 38.73 18.23
N ASP B 87 0.53 37.81 18.29
CA ASP B 87 0.88 37.02 17.11
C ASP B 87 -0.30 36.15 16.71
N LYS B 88 -0.57 36.09 15.41
CA LYS B 88 -1.64 35.25 14.91
C LYS B 88 -1.06 33.85 14.78
N VAL B 89 -1.72 32.89 15.42
CA VAL B 89 -1.24 31.52 15.38
C VAL B 89 -2.32 30.49 15.12
N ILE B 90 -1.88 29.32 14.64
CA ILE B 90 -2.76 28.21 14.35
C ILE B 90 -2.20 26.96 15.03
N PRO B 91 -2.96 26.37 15.97
CA PRO B 91 -2.51 25.15 16.66
C PRO B 91 -2.87 23.94 15.80
N PHE B 92 -2.35 22.77 16.17
CA PHE B 92 -2.62 21.55 15.42
C PHE B 92 -2.26 20.27 16.21
N PHE B 93 -3.01 19.20 15.94
CA PHE B 93 -2.83 17.91 16.61
C PHE B 93 -1.56 17.17 16.18
N ALA B 94 -1.00 17.59 15.04
CA ALA B 94 0.19 16.97 14.49
C ALA B 94 1.41 17.78 14.92
N PRO B 95 2.10 17.35 15.98
CA PRO B 95 3.27 18.07 16.48
C PRO B 95 4.54 17.96 15.64
N GLN B 96 5.47 18.88 15.92
CA GLN B 96 6.77 18.91 15.27
C GLN B 96 7.72 19.54 16.30
N CYS B 97 7.93 18.83 17.40
CA CYS B 97 8.78 19.32 18.47
C CYS B 97 10.17 19.74 18.02
N LYS B 98 10.64 19.18 16.90
CA LYS B 98 11.97 19.52 16.40
C LYS B 98 13.05 19.14 17.39
N ARG B 99 12.74 18.15 18.23
CA ARG B 99 13.69 17.68 19.22
C ARG B 99 13.70 16.16 19.26
N CYS B 100 13.29 15.54 18.16
CA CYS B 100 13.26 14.07 18.06
C CYS B 100 13.77 13.60 16.68
N LYS B 101 13.96 12.29 16.55
CA LYS B 101 14.46 11.70 15.30
C LYS B 101 13.45 11.82 14.17
N LEU B 102 12.18 11.65 14.49
CA LEU B 102 11.12 11.72 13.49
C LEU B 102 11.00 13.12 12.89
N CYS B 103 11.16 14.14 13.71
CA CYS B 103 11.08 15.52 13.24
C CYS B 103 12.17 15.79 12.22
N LEU B 104 13.34 15.18 12.43
CA LEU B 104 14.49 15.37 11.54
C LEU B 104 14.40 14.53 10.28
N SER B 105 13.57 13.49 10.30
CA SER B 105 13.42 12.63 9.14
C SER B 105 12.55 13.25 8.07
N PRO B 106 12.97 13.13 6.80
CA PRO B 106 12.21 13.68 5.68
C PRO B 106 11.23 12.64 5.14
N LEU B 107 11.26 11.45 5.73
CA LEU B 107 10.40 10.37 5.30
C LEU B 107 9.02 10.35 5.96
N THR B 108 8.87 11.12 7.04
CA THR B 108 7.60 11.15 7.74
C THR B 108 7.33 12.49 8.42
N ASN B 109 6.07 12.78 8.70
CA ASN B 109 5.72 14.02 9.35
C ASN B 109 5.29 13.71 10.78
N LEU B 110 5.54 12.48 11.21
CA LEU B 110 5.22 12.09 12.58
C LEU B 110 6.28 12.67 13.52
N CYS B 111 5.96 12.73 14.82
CA CYS B 111 6.85 13.27 15.83
C CYS B 111 6.84 12.44 17.12
N GLY B 112 8.03 12.24 17.69
CA GLY B 112 8.18 11.46 18.90
C GLY B 112 7.39 11.93 20.11
N LYS B 113 6.83 13.14 20.03
CA LYS B 113 6.04 13.68 21.13
C LYS B 113 4.87 12.72 21.31
N LEU B 114 4.44 12.12 20.20
CA LEU B 114 3.34 11.17 20.20
C LEU B 114 3.71 9.94 21.00
N ARG B 115 2.70 9.17 21.42
CA ARG B 115 2.98 7.98 22.21
C ARG B 115 1.99 6.84 21.99
N ASN B 116 0.73 7.16 21.75
CA ASN B 116 -0.27 6.12 21.55
C ASN B 116 -0.53 5.95 20.08
N PHE B 117 0.25 5.09 19.43
CA PHE B 117 0.14 4.86 17.99
C PHE B 117 -0.93 3.82 17.58
N LYS B 118 -1.94 3.66 18.42
CA LYS B 118 -3.04 2.75 18.14
C LYS B 118 -4.33 3.53 18.35
N TYR B 119 -4.24 4.50 19.26
CA TYR B 119 -5.37 5.37 19.56
C TYR B 119 -4.89 6.81 19.69
N PRO B 120 -4.43 7.41 18.58
CA PRO B 120 -3.95 8.79 18.62
C PRO B 120 -5.00 9.79 19.13
N THR B 121 -6.26 9.36 19.17
CA THR B 121 -7.36 10.22 19.62
C THR B 121 -7.36 10.46 21.13
N ILE B 122 -6.68 9.60 21.88
CA ILE B 122 -6.61 9.76 23.33
C ILE B 122 -5.19 10.11 23.75
N ASP B 123 -4.43 10.65 22.81
CA ASP B 123 -3.05 11.04 23.09
C ASP B 123 -2.99 12.55 23.31
N GLN B 124 -1.85 13.05 23.78
CA GLN B 124 -1.69 14.48 24.04
C GLN B 124 -2.88 14.95 24.87
N GLU B 125 -3.29 14.10 25.81
CA GLU B 125 -4.41 14.39 26.69
C GLU B 125 -3.98 15.29 27.86
N LEU B 126 -2.68 15.49 28.00
CA LEU B 126 -2.15 16.34 29.06
C LEU B 126 -0.89 17.01 28.54
N MET B 127 -0.51 18.13 29.14
CA MET B 127 0.67 18.87 28.69
C MET B 127 1.96 18.07 28.78
N GLU B 128 3.06 18.72 28.46
CA GLU B 128 4.39 18.08 28.48
C GLU B 128 4.77 17.53 29.84
N ASP B 129 4.42 18.25 30.90
CA ASP B 129 4.74 17.83 32.26
C ASP B 129 3.64 16.98 32.89
N ARG B 130 2.95 16.21 32.05
CA ARG B 130 1.88 15.33 32.50
C ARG B 130 0.88 16.04 33.42
N THR B 131 0.76 17.35 33.26
CA THR B 131 -0.18 18.13 34.06
C THR B 131 -1.22 18.73 33.12
N SER B 132 -2.21 19.40 33.69
CA SER B 132 -3.28 20.03 32.91
C SER B 132 -3.33 21.52 33.22
N ARG B 133 -3.90 22.30 32.31
CA ARG B 133 -4.03 23.73 32.50
C ARG B 133 -5.50 24.12 32.66
N PHE B 134 -6.38 23.13 32.54
CA PHE B 134 -7.82 23.35 32.66
C PHE B 134 -8.39 22.90 33.99
N THR B 135 -9.21 23.76 34.58
CA THR B 135 -9.85 23.45 35.84
C THR B 135 -11.26 24.01 35.81
N CYS B 136 -12.20 23.21 36.28
CA CYS B 136 -13.58 23.63 36.31
C CYS B 136 -14.25 23.01 37.52
N LYS B 137 -14.76 23.87 38.40
CA LYS B 137 -15.44 23.42 39.61
C LYS B 137 -14.63 22.43 40.45
N GLY B 138 -13.38 22.80 40.72
CA GLY B 138 -12.52 21.94 41.52
C GLY B 138 -11.99 20.69 40.86
N ARG B 139 -12.29 20.51 39.58
CA ARG B 139 -11.82 19.33 38.84
C ARG B 139 -10.90 19.67 37.68
N SER B 140 -9.86 18.88 37.51
CA SER B 140 -8.90 19.06 36.41
C SER B 140 -9.43 18.34 35.18
N ILE B 141 -9.51 19.06 34.06
CA ILE B 141 -10.03 18.52 32.82
C ILE B 141 -8.95 18.17 31.82
N TYR B 142 -9.13 17.05 31.11
CA TYR B 142 -8.19 16.59 30.10
C TYR B 142 -8.12 17.52 28.90
N HIS B 143 -6.99 17.55 28.22
CA HIS B 143 -6.86 18.35 27.01
C HIS B 143 -7.22 17.36 25.93
N PHE B 144 -7.45 17.84 24.70
CA PHE B 144 -7.80 16.93 23.63
C PHE B 144 -6.85 17.04 22.44
N MET B 145 -6.18 15.93 22.15
CA MET B 145 -5.26 15.89 21.03
C MET B 145 -4.29 17.06 20.97
N GLY B 146 -3.88 17.52 22.16
CA GLY B 146 -2.94 18.61 22.29
C GLY B 146 -3.35 20.00 21.86
N VAL B 147 -4.65 20.21 21.65
CA VAL B 147 -5.17 21.51 21.21
C VAL B 147 -6.23 22.08 22.17
N SER B 148 -7.43 21.46 22.16
CA SER B 148 -8.56 21.89 22.99
C SER B 148 -9.02 23.28 22.58
N SER B 149 -9.54 23.39 21.36
CA SER B 149 -9.97 24.69 20.85
C SER B 149 -11.34 25.18 21.30
N PHE B 150 -12.13 24.31 21.93
CA PHE B 150 -13.46 24.70 22.37
C PHE B 150 -13.44 25.42 23.70
N SER B 151 -12.65 26.48 23.77
CA SER B 151 -12.51 27.29 24.97
C SER B 151 -12.05 28.62 24.44
N GLN B 152 -12.46 29.72 25.08
CA GLN B 152 -12.04 31.03 24.60
C GLN B 152 -10.53 31.16 24.72
N TYR B 153 -9.97 30.48 25.71
CA TYR B 153 -8.52 30.49 25.90
C TYR B 153 -8.06 29.06 26.11
N THR B 154 -6.91 28.73 25.54
CA THR B 154 -6.34 27.41 25.68
C THR B 154 -4.83 27.53 25.74
N VAL B 155 -4.18 26.48 26.23
CA VAL B 155 -2.74 26.44 26.33
C VAL B 155 -2.24 25.22 25.57
N VAL B 156 -1.25 25.41 24.72
CA VAL B 156 -0.72 24.32 23.92
C VAL B 156 0.80 24.27 23.91
N SER B 157 1.33 23.08 23.70
CA SER B 157 2.76 22.90 23.63
C SER B 157 3.25 23.74 22.46
N GLU B 158 4.45 24.31 22.59
CA GLU B 158 5.03 25.11 21.53
C GLU B 158 5.16 24.20 20.30
N ALA B 159 5.03 22.89 20.53
CA ALA B 159 5.13 21.91 19.46
C ALA B 159 3.83 21.75 18.68
N ASN B 160 2.74 22.34 19.17
CA ASN B 160 1.48 22.21 18.47
C ASN B 160 0.90 23.50 17.90
N LEU B 161 1.75 24.41 17.45
CA LEU B 161 1.28 25.64 16.84
C LEU B 161 2.36 26.32 16.05
N ALA B 162 1.94 27.19 15.15
CA ALA B 162 2.85 27.94 14.29
C ALA B 162 2.31 29.35 14.16
N ARG B 163 3.22 30.32 14.12
CA ARG B 163 2.81 31.70 13.98
C ARG B 163 2.50 31.87 12.52
N VAL B 164 1.57 32.75 12.20
CA VAL B 164 1.19 32.95 10.81
C VAL B 164 1.02 34.40 10.43
N ASP B 165 0.93 34.63 9.12
CA ASP B 165 0.77 35.96 8.54
C ASP B 165 -0.11 36.84 9.43
N ASP B 166 0.35 38.06 9.67
CA ASP B 166 -0.39 39.00 10.50
C ASP B 166 -1.72 39.43 9.91
N GLU B 167 -1.83 39.41 8.59
CA GLU B 167 -3.06 39.81 7.90
C GLU B 167 -3.99 38.64 7.64
N ALA B 168 -3.74 37.52 8.31
CA ALA B 168 -4.56 36.33 8.12
C ALA B 168 -5.93 36.48 8.76
N ASN B 169 -6.96 36.08 8.01
CA ASN B 169 -8.34 36.13 8.50
C ASN B 169 -8.60 34.86 9.30
N LEU B 170 -8.51 34.98 10.62
CA LEU B 170 -8.72 33.87 11.53
C LEU B 170 -10.03 33.10 11.33
N GLU B 171 -11.05 33.76 10.78
CA GLU B 171 -12.37 33.15 10.54
C GLU B 171 -12.40 32.15 9.37
N ARG B 172 -11.30 32.06 8.63
CA ARG B 172 -11.22 31.15 7.50
C ARG B 172 -9.94 30.31 7.58
N VAL B 173 -8.85 30.98 7.90
CA VAL B 173 -7.54 30.36 8.02
C VAL B 173 -7.53 29.23 9.06
N CYS B 174 -8.52 29.23 9.95
CA CYS B 174 -8.62 28.21 10.99
C CYS B 174 -8.74 26.79 10.44
N LEU B 175 -9.37 26.66 9.28
CA LEU B 175 -9.54 25.35 8.65
C LEU B 175 -8.19 24.69 8.42
N ILE B 176 -7.15 25.51 8.28
CA ILE B 176 -5.80 25.02 8.06
C ILE B 176 -5.35 24.28 9.32
N GLY B 177 -6.17 24.37 10.37
CA GLY B 177 -5.85 23.71 11.61
C GLY B 177 -6.11 22.21 11.56
N CYS B 178 -6.84 21.76 10.55
CA CYS B 178 -7.13 20.34 10.41
C CYS B 178 -7.78 19.93 9.09
N GLY B 179 -9.07 20.20 8.96
CA GLY B 179 -9.79 19.91 7.73
C GLY B 179 -9.12 20.09 6.38
N PHE B 180 -8.89 21.35 6.01
CA PHE B 180 -8.28 21.65 4.74
C PHE B 180 -6.89 21.02 4.59
N SER B 181 -6.04 21.24 5.60
CA SER B 181 -4.67 20.73 5.56
C SER B 181 -4.52 19.24 5.33
N SER B 182 -5.43 18.46 5.90
CA SER B 182 -5.39 17.01 5.74
C SER B 182 -5.82 16.56 4.36
N GLY B 183 -6.96 17.05 3.90
CA GLY B 183 -7.42 16.68 2.57
C GLY B 183 -6.41 17.17 1.54
N TYR B 184 -6.08 18.46 1.62
CA TYR B 184 -5.15 19.10 0.71
C TYR B 184 -3.80 18.39 0.67
N GLY B 185 -3.20 18.19 1.84
CA GLY B 185 -1.92 17.53 1.93
C GLY B 185 -1.98 16.05 1.55
N ALA B 186 -3.13 15.44 1.77
CA ALA B 186 -3.28 14.04 1.44
C ALA B 186 -3.07 13.82 -0.07
N ALA B 187 -3.60 14.73 -0.88
CA ALA B 187 -3.46 14.60 -2.31
C ALA B 187 -2.05 14.90 -2.78
N ILE B 188 -1.46 15.95 -2.24
CA ILE B 188 -0.12 16.40 -2.62
C ILE B 188 1.07 15.63 -2.05
N ASN B 189 1.05 15.34 -0.74
CA ASN B 189 2.17 14.66 -0.11
C ASN B 189 2.04 13.16 0.02
N THR B 190 0.84 12.69 0.35
CA THR B 190 0.66 11.26 0.55
C THR B 190 0.31 10.52 -0.75
N ALA B 191 -0.74 10.95 -1.42
CA ALA B 191 -1.11 10.30 -2.64
C ALA B 191 -0.10 10.68 -3.72
N LYS B 192 0.44 11.88 -3.60
CA LYS B 192 1.42 12.40 -4.57
C LYS B 192 0.81 12.44 -5.97
N VAL B 193 -0.33 13.11 -6.09
CA VAL B 193 -1.00 13.22 -7.36
C VAL B 193 -0.07 13.88 -8.36
N THR B 194 -0.03 13.31 -9.57
CA THR B 194 0.84 13.80 -10.63
C THR B 194 0.06 14.51 -11.73
N PRO B 195 0.72 15.44 -12.44
CA PRO B 195 0.12 16.21 -13.53
C PRO B 195 -0.49 15.34 -14.62
N GLY B 196 -1.71 15.70 -15.04
CA GLY B 196 -2.41 14.96 -16.08
C GLY B 196 -3.05 13.66 -15.62
N SER B 197 -2.99 13.37 -14.32
CA SER B 197 -3.54 12.13 -13.80
C SER B 197 -5.04 12.17 -13.60
N THR B 198 -5.61 11.01 -13.29
CA THR B 198 -7.03 10.84 -13.04
C THR B 198 -7.19 10.49 -11.56
N CYS B 199 -8.02 11.25 -10.85
CA CYS B 199 -8.22 11.00 -9.43
C CYS B 199 -9.66 10.68 -9.08
N ALA B 200 -9.84 10.08 -7.91
CA ALA B 200 -11.15 9.74 -7.42
C ALA B 200 -11.14 10.10 -5.93
N VAL B 201 -12.16 10.81 -5.48
CA VAL B 201 -12.26 11.22 -4.08
C VAL B 201 -13.61 10.83 -3.50
N PHE B 202 -13.59 9.96 -2.49
CA PHE B 202 -14.80 9.48 -1.82
C PHE B 202 -15.03 10.28 -0.55
N GLY B 203 -16.22 10.85 -0.42
CA GLY B 203 -16.52 11.65 0.75
C GLY B 203 -16.26 13.09 0.37
N LEU B 204 -17.33 13.88 0.36
CA LEU B 204 -17.22 15.28 -0.02
C LEU B 204 -17.46 16.23 1.14
N GLY B 205 -16.85 15.92 2.28
CA GLY B 205 -16.97 16.80 3.43
C GLY B 205 -15.85 17.82 3.30
N CYS B 206 -15.37 18.37 4.40
CA CYS B 206 -14.28 19.33 4.29
C CYS B 206 -13.02 18.66 3.76
N VAL B 207 -12.62 17.56 4.38
CA VAL B 207 -11.44 16.82 3.96
C VAL B 207 -11.48 16.45 2.47
N GLY B 208 -12.54 15.78 2.05
CA GLY B 208 -12.67 15.38 0.65
C GLY B 208 -12.62 16.52 -0.35
N LEU B 209 -13.18 17.67 0.01
CA LEU B 209 -13.15 18.83 -0.86
C LEU B 209 -11.74 19.40 -0.98
N SER B 210 -11.03 19.44 0.16
CA SER B 210 -9.65 19.92 0.17
C SER B 210 -8.78 18.95 -0.61
N ALA B 211 -9.22 17.69 -0.68
CA ALA B 211 -8.49 16.65 -1.41
C ALA B 211 -8.66 16.92 -2.90
N ILE B 212 -9.82 17.45 -3.27
CA ILE B 212 -10.12 17.79 -4.66
C ILE B 212 -9.32 19.03 -5.01
N ILE B 213 -9.31 19.98 -4.07
CA ILE B 213 -8.56 21.21 -4.25
C ILE B 213 -7.11 20.81 -4.42
N GLY B 214 -6.71 19.83 -3.62
CA GLY B 214 -5.35 19.32 -3.69
C GLY B 214 -5.05 18.65 -5.01
N CYS B 215 -6.00 17.87 -5.52
CA CYS B 215 -5.80 17.20 -6.81
C CYS B 215 -5.64 18.21 -7.94
N LYS B 216 -6.45 19.27 -7.93
CA LYS B 216 -6.36 20.29 -8.97
C LYS B 216 -5.02 21.02 -8.91
N ILE B 217 -4.58 21.38 -7.71
CA ILE B 217 -3.31 22.07 -7.55
C ILE B 217 -2.17 21.19 -8.05
N ALA B 218 -2.25 19.90 -7.80
CA ALA B 218 -1.21 18.98 -8.24
C ALA B 218 -1.21 18.82 -9.77
N GLY B 219 -2.25 19.30 -10.44
CA GLY B 219 -2.32 19.21 -11.89
C GLY B 219 -3.13 18.12 -12.55
N ALA B 220 -3.97 17.43 -11.78
CA ALA B 220 -4.80 16.36 -12.30
C ALA B 220 -5.66 16.83 -13.45
N SER B 221 -5.92 15.96 -14.42
CA SER B 221 -6.74 16.34 -15.57
C SER B 221 -8.18 15.95 -15.39
N ARG B 222 -8.42 14.97 -14.52
CA ARG B 222 -9.77 14.51 -14.24
C ARG B 222 -9.87 14.24 -12.74
N ILE B 223 -11.02 14.58 -12.16
CA ILE B 223 -11.25 14.41 -10.73
C ILE B 223 -12.70 13.97 -10.49
N ILE B 224 -12.88 12.70 -10.12
CA ILE B 224 -14.21 12.14 -9.89
C ILE B 224 -14.59 12.17 -8.42
N ALA B 225 -15.62 12.95 -8.10
CA ALA B 225 -16.10 13.07 -6.72
C ALA B 225 -17.26 12.14 -6.45
N ILE B 226 -17.14 11.34 -5.39
CA ILE B 226 -18.19 10.39 -5.03
C ILE B 226 -18.75 10.61 -3.63
N ASP B 227 -20.07 10.71 -3.54
CA ASP B 227 -20.72 10.87 -2.25
C ASP B 227 -22.16 10.32 -2.34
N ILE B 228 -22.72 9.99 -1.19
CA ILE B 228 -24.08 9.49 -1.17
C ILE B 228 -25.00 10.67 -0.94
N ASN B 229 -24.40 11.85 -0.82
CA ASN B 229 -25.14 13.09 -0.59
C ASN B 229 -24.98 14.04 -1.77
N GLY B 230 -25.95 13.99 -2.69
CA GLY B 230 -25.90 14.83 -3.88
C GLY B 230 -25.73 16.30 -3.59
N GLU B 231 -26.26 16.74 -2.45
CA GLU B 231 -26.16 18.14 -2.06
C GLU B 231 -24.71 18.61 -1.97
N LYS B 232 -23.78 17.65 -1.98
CA LYS B 232 -22.36 17.98 -1.89
C LYS B 232 -21.72 18.33 -3.23
N PHE B 233 -22.30 17.79 -4.30
CA PHE B 233 -21.76 17.97 -5.65
C PHE B 233 -21.49 19.38 -6.15
N PRO B 234 -22.46 20.29 -6.02
CA PRO B 234 -22.27 21.67 -6.49
C PRO B 234 -20.95 22.28 -6.05
N LYS B 235 -20.63 22.18 -4.76
CA LYS B 235 -19.40 22.74 -4.24
C LYS B 235 -18.17 21.91 -4.65
N ALA B 236 -18.38 20.62 -4.88
CA ALA B 236 -17.30 19.75 -5.31
C ALA B 236 -16.80 20.26 -6.66
N LYS B 237 -17.73 20.52 -7.56
CA LYS B 237 -17.39 21.04 -8.88
C LYS B 237 -16.80 22.44 -8.75
N ALA B 238 -17.36 23.24 -7.87
CA ALA B 238 -16.86 24.58 -7.67
C ALA B 238 -15.36 24.54 -7.38
N LEU B 239 -14.93 23.52 -6.62
CA LEU B 239 -13.51 23.38 -6.28
C LEU B 239 -12.66 22.65 -7.29
N GLY B 240 -13.29 22.11 -8.36
CA GLY B 240 -12.48 21.46 -9.37
C GLY B 240 -12.85 20.07 -9.88
N ALA B 241 -13.92 19.48 -9.34
CA ALA B 241 -14.32 18.15 -9.77
C ALA B 241 -14.80 18.18 -11.22
N THR B 242 -14.47 17.13 -11.96
CA THR B 242 -14.87 17.04 -13.35
C THR B 242 -16.07 16.10 -13.52
N ASP B 243 -16.25 15.22 -12.55
CA ASP B 243 -17.36 14.27 -12.60
C ASP B 243 -17.90 14.03 -11.18
N CYS B 244 -19.17 13.67 -11.07
CA CYS B 244 -19.78 13.40 -9.77
C CYS B 244 -20.62 12.14 -9.81
N LEU B 245 -20.45 11.26 -8.83
CA LEU B 245 -21.22 10.02 -8.78
C LEU B 245 -21.87 9.79 -7.42
N ASN B 246 -23.11 9.29 -7.44
CA ASN B 246 -23.83 9.01 -6.20
C ASN B 246 -24.15 7.53 -6.19
N PRO B 247 -23.47 6.75 -5.34
CA PRO B 247 -23.68 5.30 -5.24
C PRO B 247 -25.17 4.97 -5.14
N ARG B 248 -25.91 5.88 -4.52
CA ARG B 248 -27.34 5.73 -4.33
C ARG B 248 -28.11 5.75 -5.63
N GLU B 249 -27.58 6.45 -6.63
CA GLU B 249 -28.28 6.52 -7.92
C GLU B 249 -27.70 5.65 -9.02
N LEU B 250 -26.85 4.69 -8.63
CA LEU B 250 -26.22 3.78 -9.58
C LEU B 250 -26.66 2.35 -9.33
N ASP B 251 -27.02 1.65 -10.40
CA ASP B 251 -27.43 0.25 -10.28
C ASP B 251 -26.20 -0.64 -10.30
N LYS B 252 -25.04 -0.06 -10.04
CA LYS B 252 -23.80 -0.81 -10.04
C LYS B 252 -22.90 -0.27 -8.95
N PRO B 253 -22.05 -1.14 -8.38
CA PRO B 253 -21.14 -0.70 -7.32
C PRO B 253 -20.39 0.50 -7.90
N VAL B 254 -20.35 1.61 -7.19
CA VAL B 254 -19.70 2.79 -7.73
C VAL B 254 -18.31 2.54 -8.32
N GLN B 255 -17.58 1.54 -7.81
CA GLN B 255 -16.26 1.29 -8.36
C GLN B 255 -16.32 0.79 -9.78
N ASP B 256 -17.30 -0.04 -10.11
CA ASP B 256 -17.43 -0.55 -11.47
C ASP B 256 -17.79 0.63 -12.39
N VAL B 257 -18.62 1.55 -11.89
CA VAL B 257 -19.00 2.69 -12.73
C VAL B 257 -17.74 3.47 -13.05
N ILE B 258 -16.93 3.75 -12.02
CA ILE B 258 -15.70 4.51 -12.22
C ILE B 258 -14.77 3.77 -13.20
N THR B 259 -14.61 2.47 -13.02
CA THR B 259 -13.75 1.70 -13.90
C THR B 259 -14.20 1.82 -15.36
N GLU B 260 -15.50 1.76 -15.61
CA GLU B 260 -16.01 1.89 -16.97
C GLU B 260 -15.80 3.28 -17.55
N LEU B 261 -16.14 4.29 -16.76
CA LEU B 261 -16.00 5.68 -17.15
C LEU B 261 -14.56 6.07 -17.46
N THR B 262 -13.61 5.25 -16.99
CA THR B 262 -12.19 5.52 -17.19
C THR B 262 -11.46 4.45 -17.98
N ALA B 263 -12.16 3.38 -18.35
CA ALA B 263 -11.58 2.29 -19.12
C ALA B 263 -10.39 1.66 -18.41
N GLY B 264 -10.56 1.35 -17.14
CA GLY B 264 -9.47 0.73 -16.39
C GLY B 264 -9.45 1.16 -14.96
N GLY B 265 -9.98 2.34 -14.68
CA GLY B 265 -9.98 2.83 -13.32
C GLY B 265 -9.17 4.11 -13.20
N VAL B 266 -8.99 4.59 -11.97
CA VAL B 266 -8.23 5.82 -11.78
C VAL B 266 -6.79 5.57 -11.34
N ASP B 267 -5.96 6.59 -11.52
CA ASP B 267 -4.54 6.50 -11.13
C ASP B 267 -4.38 6.71 -9.62
N TYR B 268 -5.18 7.62 -9.07
CA TYR B 268 -5.11 7.95 -7.66
C TYR B 268 -6.47 7.92 -6.99
N SER B 269 -6.54 7.23 -5.86
CA SER B 269 -7.77 7.10 -5.09
C SER B 269 -7.54 7.71 -3.71
N LEU B 270 -8.49 8.53 -3.22
CA LEU B 270 -8.37 9.14 -1.88
C LEU B 270 -9.71 8.96 -1.16
N ASP B 271 -9.70 8.20 -0.07
CA ASP B 271 -10.92 7.94 0.69
C ASP B 271 -11.08 8.88 1.86
N CYS B 272 -11.97 9.86 1.71
CA CYS B 272 -12.22 10.81 2.77
C CYS B 272 -13.57 10.55 3.41
N ALA B 273 -13.98 9.29 3.40
CA ALA B 273 -15.23 8.86 4.02
C ALA B 273 -14.77 7.90 5.11
N GLY B 274 -14.17 6.79 4.71
CA GLY B 274 -13.63 5.85 5.70
C GLY B 274 -14.50 4.67 6.08
N THR B 275 -15.51 4.38 5.28
CA THR B 275 -16.39 3.26 5.56
C THR B 275 -15.87 2.00 4.88
N ALA B 276 -16.37 0.85 5.32
CA ALA B 276 -15.97 -0.42 4.75
C ALA B 276 -16.20 -0.37 3.24
N GLN B 277 -17.40 0.05 2.85
CA GLN B 277 -17.76 0.13 1.45
C GLN B 277 -16.82 1.05 0.69
N THR B 278 -16.60 2.26 1.19
CA THR B 278 -15.72 3.21 0.50
C THR B 278 -14.27 2.73 0.48
N LEU B 279 -13.83 2.10 1.55
CA LEU B 279 -12.47 1.61 1.59
C LEU B 279 -12.27 0.55 0.50
N LYS B 280 -13.26 -0.31 0.32
CA LYS B 280 -13.17 -1.37 -0.68
C LYS B 280 -13.18 -0.75 -2.07
N ALA B 281 -14.06 0.22 -2.27
CA ALA B 281 -14.18 0.89 -3.55
C ALA B 281 -12.93 1.70 -3.90
N ALA B 282 -12.44 2.48 -2.94
CA ALA B 282 -11.24 3.29 -3.14
C ALA B 282 -10.12 2.48 -3.77
N VAL B 283 -10.05 1.19 -3.45
CA VAL B 283 -9.03 0.33 -4.00
C VAL B 283 -9.49 -0.26 -5.33
N ASP B 284 -10.71 -0.76 -5.36
CA ASP B 284 -11.24 -1.36 -6.58
C ASP B 284 -11.17 -0.44 -7.78
N CYS B 285 -11.60 0.80 -7.61
CA CYS B 285 -11.62 1.76 -8.71
C CYS B 285 -10.27 2.17 -9.33
N THR B 286 -9.17 1.80 -8.70
CA THR B 286 -7.85 2.16 -9.24
C THR B 286 -7.39 1.21 -10.35
N VAL B 287 -6.66 1.75 -11.33
CA VAL B 287 -6.15 0.95 -12.43
C VAL B 287 -5.13 -0.04 -11.90
N LEU B 288 -4.81 -1.05 -12.70
CA LEU B 288 -3.84 -2.04 -12.31
C LEU B 288 -2.47 -1.54 -12.73
N GLY B 289 -1.43 -2.13 -12.15
CA GLY B 289 -0.08 -1.72 -12.49
C GLY B 289 0.45 -0.66 -11.56
N TRP B 290 -0.12 0.54 -11.65
CA TRP B 290 0.32 1.66 -10.82
C TRP B 290 -0.78 2.30 -9.98
N GLY B 291 -1.94 1.68 -9.93
CA GLY B 291 -3.04 2.24 -9.15
C GLY B 291 -2.61 2.54 -7.72
N SER B 292 -3.10 3.66 -7.18
CA SER B 292 -2.75 4.03 -5.81
C SER B 292 -3.94 4.51 -4.99
N CYS B 293 -4.12 3.89 -3.83
CA CYS B 293 -5.22 4.26 -2.95
C CYS B 293 -4.65 4.89 -1.68
N THR B 294 -5.20 6.03 -1.28
CA THR B 294 -4.73 6.70 -0.07
C THR B 294 -5.84 6.93 0.93
N VAL B 295 -5.68 6.34 2.10
CA VAL B 295 -6.64 6.45 3.19
C VAL B 295 -6.48 7.77 3.93
N VAL B 296 -7.58 8.51 4.04
CA VAL B 296 -7.56 9.80 4.72
C VAL B 296 -8.55 9.71 5.87
N GLY B 297 -9.73 9.20 5.57
CA GLY B 297 -10.77 9.04 6.57
C GLY B 297 -10.93 7.58 6.94
N ALA B 298 -11.35 7.33 8.17
CA ALA B 298 -11.53 5.96 8.64
C ALA B 298 -12.57 5.88 9.75
N LYS B 299 -13.75 5.37 9.41
CA LYS B 299 -14.83 5.22 10.38
C LYS B 299 -14.79 3.80 10.94
N VAL B 300 -13.97 2.95 10.31
CA VAL B 300 -13.82 1.56 10.73
C VAL B 300 -12.33 1.28 11.00
N ASP B 301 -12.03 0.39 11.93
CA ASP B 301 -10.64 0.12 12.29
C ASP B 301 -9.80 -0.73 11.34
N GLU B 302 -10.45 -1.51 10.49
CA GLU B 302 -9.71 -2.38 9.57
C GLU B 302 -10.18 -2.32 8.14
N MET B 303 -9.25 -2.56 7.22
CA MET B 303 -9.60 -2.61 5.82
C MET B 303 -9.04 -3.92 5.31
N THR B 304 -9.86 -4.61 4.53
CA THR B 304 -9.47 -5.90 3.96
C THR B 304 -9.02 -5.67 2.53
N ILE B 305 -7.89 -6.25 2.17
CA ILE B 305 -7.37 -6.06 0.82
C ILE B 305 -7.05 -7.38 0.12
N PRO B 306 -7.67 -7.61 -1.06
CA PRO B 306 -7.45 -8.82 -1.85
C PRO B 306 -5.96 -8.97 -2.14
N THR B 307 -5.43 -10.17 -1.99
CA THR B 307 -3.99 -10.43 -2.21
C THR B 307 -3.65 -10.19 -3.67
N VAL B 308 -4.58 -10.46 -4.59
CA VAL B 308 -4.31 -10.31 -6.02
C VAL B 308 -4.17 -8.85 -6.44
N ASP B 309 -5.10 -8.02 -5.99
CA ASP B 309 -5.08 -6.60 -6.30
C ASP B 309 -3.68 -6.01 -6.10
N VAL B 310 -3.07 -6.32 -4.96
CA VAL B 310 -1.73 -5.84 -4.63
C VAL B 310 -0.64 -6.45 -5.52
N ILE B 311 -0.78 -7.72 -5.86
CA ILE B 311 0.18 -8.39 -6.72
C ILE B 311 0.13 -7.79 -8.13
N LEU B 312 -1.00 -7.17 -8.45
CA LEU B 312 -1.19 -6.60 -9.76
C LEU B 312 -1.02 -5.08 -9.88
N GLY B 313 -0.12 -4.51 -9.08
CA GLY B 313 0.16 -3.10 -9.18
C GLY B 313 -0.48 -2.09 -8.26
N ARG B 314 -1.58 -2.45 -7.62
CA ARG B 314 -2.23 -1.52 -6.71
C ARG B 314 -1.49 -1.42 -5.40
N SER B 315 -1.26 -0.19 -4.96
CA SER B 315 -0.56 0.05 -3.70
C SER B 315 -1.52 0.78 -2.76
N ILE B 316 -1.25 0.71 -1.46
CA ILE B 316 -2.09 1.34 -0.46
C ILE B 316 -1.26 2.05 0.58
N ASN B 317 -1.63 3.28 0.91
CA ASN B 317 -0.94 4.03 1.94
C ASN B 317 -1.96 4.91 2.63
N GLY B 318 -1.52 5.68 3.60
CA GLY B 318 -2.44 6.54 4.32
C GLY B 318 -1.79 7.80 4.78
N THR B 319 -2.62 8.81 5.04
CA THR B 319 -2.10 10.08 5.46
C THR B 319 -2.36 10.41 6.91
N PHE B 320 -1.56 11.33 7.44
CA PHE B 320 -1.68 11.81 8.80
C PHE B 320 -1.45 13.31 8.67
N PHE B 321 -2.48 14.09 9.00
CA PHE B 321 -2.41 15.54 8.88
C PHE B 321 -1.83 15.92 7.52
N GLY B 322 -2.39 15.33 6.47
CA GLY B 322 -1.95 15.61 5.12
C GLY B 322 -0.48 15.40 4.82
N GLY B 323 0.22 14.73 5.73
CA GLY B 323 1.64 14.48 5.55
C GLY B 323 2.51 15.71 5.71
N TRP B 324 1.93 16.80 6.23
CA TRP B 324 2.66 18.03 6.44
C TRP B 324 3.49 18.07 7.69
N LYS B 325 4.62 18.77 7.61
CA LYS B 325 5.48 19.00 8.76
C LYS B 325 4.81 20.26 9.32
N SER B 326 3.88 20.06 10.24
CA SER B 326 3.08 21.12 10.85
C SER B 326 3.68 22.52 11.03
N VAL B 327 4.66 22.65 11.92
CA VAL B 327 5.25 23.93 12.23
C VAL B 327 5.87 24.67 11.04
N ASP B 328 6.40 23.95 10.06
CA ASP B 328 6.98 24.64 8.92
C ASP B 328 5.99 24.83 7.80
N SER B 329 5.01 23.94 7.69
CA SER B 329 4.02 24.03 6.60
C SER B 329 2.84 24.94 6.82
N VAL B 330 2.20 24.86 8.00
CA VAL B 330 1.04 25.69 8.28
C VAL B 330 1.21 27.14 7.83
N PRO B 331 2.35 27.77 8.15
CA PRO B 331 2.59 29.15 7.75
C PRO B 331 2.57 29.32 6.25
N ASN B 332 3.15 28.36 5.52
CA ASN B 332 3.16 28.45 4.07
C ASN B 332 1.74 28.31 3.51
N LEU B 333 0.98 27.35 4.02
CA LEU B 333 -0.38 27.15 3.55
C LEU B 333 -1.18 28.44 3.72
N VAL B 334 -0.89 29.19 4.76
CA VAL B 334 -1.58 30.45 5.01
C VAL B 334 -1.20 31.45 3.92
N SER B 335 0.10 31.57 3.64
CA SER B 335 0.55 32.49 2.60
C SER B 335 -0.17 32.18 1.29
N ASP B 336 -0.35 30.89 0.99
CA ASP B 336 -1.02 30.52 -0.26
C ASP B 336 -2.44 31.04 -0.31
N TYR B 337 -3.22 30.75 0.73
CA TYR B 337 -4.61 31.23 0.77
C TYR B 337 -4.61 32.71 0.52
N LYS B 338 -3.68 33.41 1.17
CA LYS B 338 -3.52 34.85 1.05
C LYS B 338 -3.27 35.21 -0.42
N ASN B 339 -2.33 34.51 -1.04
CA ASN B 339 -1.99 34.76 -2.44
C ASN B 339 -3.02 34.14 -3.36
N LYS B 340 -4.14 33.72 -2.77
CA LYS B 340 -5.24 33.12 -3.51
C LYS B 340 -4.86 31.91 -4.35
N LYS B 341 -3.96 31.07 -3.84
CA LYS B 341 -3.57 29.88 -4.58
C LYS B 341 -4.80 28.99 -4.54
N PHE B 342 -5.60 29.16 -3.49
CA PHE B 342 -6.85 28.43 -3.33
C PHE B 342 -7.79 29.26 -2.47
N ASP B 343 -9.06 28.86 -2.40
CA ASP B 343 -10.05 29.62 -1.65
C ASP B 343 -10.77 28.85 -0.56
N LEU B 344 -10.39 29.13 0.69
CA LEU B 344 -10.96 28.46 1.86
C LEU B 344 -12.44 28.77 2.08
N ASP B 345 -12.86 29.99 1.78
CA ASP B 345 -14.24 30.42 1.98
C ASP B 345 -15.31 29.46 1.48
N LEU B 346 -15.05 28.73 0.40
CA LEU B 346 -16.07 27.80 -0.08
C LEU B 346 -16.31 26.66 0.89
N LEU B 347 -15.38 26.49 1.84
CA LEU B 347 -15.48 25.42 2.83
C LEU B 347 -16.33 25.81 4.04
N VAL B 348 -16.52 27.11 4.24
CA VAL B 348 -17.32 27.57 5.37
C VAL B 348 -18.78 27.72 4.95
N THR B 349 -19.65 26.86 5.44
CA THR B 349 -21.06 26.94 5.07
C THR B 349 -21.93 27.62 6.13
N HIS B 350 -21.44 27.65 7.37
CA HIS B 350 -22.17 28.25 8.48
C HIS B 350 -21.24 28.95 9.48
N ALA B 351 -21.84 29.79 10.31
CA ALA B 351 -21.14 30.52 11.37
C ALA B 351 -22.14 30.55 12.52
N LEU B 352 -21.64 30.39 13.75
CA LEU B 352 -22.52 30.41 14.93
C LEU B 352 -21.84 30.86 16.23
N PRO B 353 -22.63 31.31 17.20
CA PRO B 353 -22.04 31.74 18.46
C PRO B 353 -21.48 30.46 19.10
N PHE B 354 -20.39 30.59 19.85
CA PHE B 354 -19.79 29.44 20.50
C PHE B 354 -20.82 28.64 21.29
N GLU B 355 -21.67 29.33 22.05
CA GLU B 355 -22.70 28.68 22.86
C GLU B 355 -23.60 27.77 22.03
N SER B 356 -23.67 28.03 20.73
CA SER B 356 -24.50 27.21 19.84
C SER B 356 -23.66 26.12 19.20
N ILE B 357 -22.71 25.59 19.96
CA ILE B 357 -21.84 24.54 19.45
C ILE B 357 -22.59 23.25 19.20
N ASN B 358 -23.61 22.95 20.00
CA ASN B 358 -24.37 21.72 19.80
C ASN B 358 -25.15 21.72 18.49
N ASP B 359 -25.65 22.90 18.10
CA ASP B 359 -26.38 23.01 16.85
C ASP B 359 -25.39 22.80 15.71
N ALA B 360 -24.14 23.22 15.93
CA ALA B 360 -23.10 23.05 14.91
C ALA B 360 -22.89 21.54 14.77
N ILE B 361 -22.89 20.83 15.89
CA ILE B 361 -22.75 19.39 15.86
C ILE B 361 -23.93 18.79 15.11
N ASP B 362 -25.13 19.31 15.33
CA ASP B 362 -26.32 18.80 14.65
C ASP B 362 -26.29 18.97 13.15
N LEU B 363 -25.81 20.12 12.67
CA LEU B 363 -25.73 20.37 11.24
C LEU B 363 -24.72 19.39 10.67
N MET B 364 -23.66 19.17 11.44
CA MET B 364 -22.60 18.27 11.05
C MET B 364 -23.22 16.90 10.82
N LYS B 365 -23.78 16.32 11.87
CA LYS B 365 -24.40 15.02 11.77
C LYS B 365 -25.42 14.96 10.64
N GLU B 366 -26.32 15.96 10.60
CA GLU B 366 -27.35 16.01 9.58
C GLU B 366 -26.76 16.06 8.16
N GLY B 367 -25.46 16.30 8.08
CA GLY B 367 -24.79 16.36 6.78
C GLY B 367 -25.20 17.59 6.00
N LYS B 368 -25.64 18.61 6.73
CA LYS B 368 -26.09 19.86 6.13
C LYS B 368 -24.95 20.86 5.96
N SER B 369 -23.74 20.48 6.35
CA SER B 369 -22.63 21.41 6.22
C SER B 369 -21.26 20.79 5.96
N ILE B 370 -20.32 21.66 5.65
CA ILE B 370 -18.94 21.29 5.42
C ILE B 370 -18.28 21.68 6.74
N ARG B 371 -18.08 22.99 6.93
CA ARG B 371 -17.51 23.49 8.17
C ARG B 371 -18.33 24.67 8.69
N THR B 372 -18.45 24.73 10.01
CA THR B 372 -19.20 25.78 10.68
C THR B 372 -18.23 26.53 11.58
N ILE B 373 -17.98 27.79 11.24
CA ILE B 373 -17.10 28.64 12.01
C ILE B 373 -17.79 28.99 13.34
N LEU B 374 -17.09 28.84 14.45
CA LEU B 374 -17.66 29.17 15.74
C LEU B 374 -16.90 30.37 16.29
N THR B 375 -17.61 31.47 16.50
CA THR B 375 -16.98 32.68 17.01
C THR B 375 -17.37 32.97 18.45
N PHE B 376 -16.61 33.85 19.09
CA PHE B 376 -16.89 34.23 20.47
C PHE B 376 -17.30 35.71 20.51
PA NAD C . 8.07 -22.64 -1.14
O1A NAD C . 6.96 -23.54 -0.89
O2A NAD C . 9.34 -23.35 -1.45
O5B NAD C . 8.31 -21.66 0.11
C5B NAD C . 7.58 -21.59 1.36
C4B NAD C . 8.49 -21.18 2.48
O4B NAD C . 7.73 -20.35 3.42
C3B NAD C . 9.08 -22.33 3.33
O3B NAD C . 10.44 -22.16 3.66
C2B NAD C . 8.18 -22.36 4.54
O2B NAD C . 8.71 -22.97 5.72
C1B NAD C . 7.84 -20.87 4.72
N9A NAD C . 6.65 -20.67 5.55
C8A NAD C . 5.40 -21.27 5.51
N7A NAD C . 4.57 -20.82 6.46
C5A NAD C . 5.31 -19.88 7.14
C6A NAD C . 5.02 -19.04 8.25
N6A NAD C . 3.84 -19.03 8.89
N1A NAD C . 6.01 -18.19 8.69
C2A NAD C . 7.24 -18.18 8.05
N3A NAD C . 7.60 -18.92 7.03
C4A NAD C . 6.59 -19.76 6.60
O3 NAD C . 7.75 -21.53 -2.27
PN NAD C . 8.64 -20.57 -3.17
O1N NAD C . 8.96 -21.19 -4.46
O2N NAD C . 9.88 -20.17 -2.48
O5D NAD C . 7.59 -19.35 -3.42
C5D NAD C . 7.06 -18.53 -2.39
C4D NAD C . 5.72 -17.92 -2.67
O4D NAD C . 5.76 -16.92 -3.76
C3D NAD C . 4.62 -18.92 -3.09
O3D NAD C . 3.41 -18.60 -2.40
C2D NAD C . 4.62 -18.75 -4.62
O2D NAD C . 3.48 -19.30 -5.27
C1D NAD C . 4.79 -17.24 -4.76
N1N NAD C . 5.26 -16.66 -6.05
C2N NAD C . 4.81 -15.39 -6.33
C3N NAD C . 5.18 -14.72 -7.50
C7N NAD C . 4.72 -13.27 -7.90
O7N NAD C . 4.84 -12.82 -9.04
N7N NAD C . 4.18 -12.53 -6.89
C4N NAD C . 6.05 -15.35 -8.48
C5N NAD C . 6.47 -16.66 -8.13
C6N NAD C . 6.13 -17.37 -6.97
ZN ZN D . 6.38 -19.80 -9.99
ZN ZN E . 2.36 -5.04 -23.29
PA NAD F . -17.74 14.46 7.02
O1A NAD F . -18.56 13.63 7.87
O2A NAD F . -18.33 15.81 6.77
O5B NAD F . -17.46 13.77 5.62
C5B NAD F . -17.91 12.47 5.17
C4B NAD F . -18.49 12.60 3.80
O4B NAD F . -18.49 11.29 3.17
C3B NAD F . -19.94 13.10 3.74
O3B NAD F . -20.17 14.12 2.78
C2B NAD F . -20.75 11.84 3.50
O2B NAD F . -21.99 12.01 2.83
C1B NAD F . -19.77 10.98 2.71
N9A NAD F . -20.06 9.56 2.78
C8A NAD F . -20.44 8.74 3.81
N7A NAD F . -20.62 7.45 3.43
C5A NAD F . -20.33 7.47 2.08
C6A NAD F . -20.32 6.45 1.08
N6A NAD F . -20.64 5.18 1.30
N1A NAD F . -19.97 6.81 -0.20
C2A NAD F . -19.64 8.13 -0.47
N3A NAD F . -19.62 9.12 0.37
C4A NAD F . -19.97 8.74 1.66
O3 NAD F . -16.22 14.59 7.51
PN NAD F . -14.92 15.38 7.04
O1N NAD F . -14.70 16.58 7.89
O2N NAD F . -15.01 15.78 5.63
O5D NAD F . -13.76 14.28 7.38
C5D NAD F . -13.71 13.02 6.73
C4D NAD F . -12.98 11.96 7.51
O4D NAD F . -11.53 12.14 7.58
C3D NAD F . -13.45 11.76 8.97
O3D NAD F . -13.74 10.39 9.18
C2D NAD F . -12.28 12.36 9.79
O2D NAD F . -12.21 11.86 11.11
C1D NAD F . -11.06 12.06 8.93
N1N NAD F . -9.86 12.93 9.07
C2N NAD F . -8.63 12.29 8.97
C3N NAD F . -7.44 13.02 9.08
C7N NAD F . -5.97 12.41 8.99
O7N NAD F . -4.98 13.01 9.44
N7N NAD F . -5.87 11.19 8.38
C4N NAD F . -7.45 14.45 9.30
C5N NAD F . -8.74 15.03 9.38
C6N NAD F . -9.96 14.36 9.28
ZN ZN G . -10.03 17.11 12.61
ZN ZN H . 9.38 15.92 17.01
#